data_8UFY
#
_entry.id   8UFY
#
_cell.length_a   132.262
_cell.length_b   132.262
_cell.length_c   91.680
_cell.angle_alpha   90.000
_cell.angle_beta   90.000
_cell.angle_gamma   90.000
#
_symmetry.space_group_name_H-M   'I 4'
#
loop_
_entity.id
_entity.type
_entity.pdbx_description
1 polymer 'L-lactate oxidase'
2 non-polymer 'FLAVIN MONONUCLEOTIDE'
3 non-polymer 1,2-ETHANEDIOL
4 non-polymer 'LACTIC ACID'
5 non-polymer 'PYRUVIC ACID'
6 water water
#
_entity_poly.entity_id   1
_entity_poly.type   'polypeptide(L)'
_entity_poly.pdbx_seq_one_letter_code
;HHHHHHMNNNDIEYNAPSEIKYIDVVNTYDLEEEASKVVPHGGFNYIAGASGDEWTKRANDRAWKHKLLYPRLAQDVEAP
DTSTEILGHKIKAPFIMAPIAAHGLAHTTKEAGTARAVSEFGTIMSISAYSGATFEEISEGLNGGPRWFQIYMAKDDQQN
RDILDEAKSDGATAIILTADSTVSGNRDRDVKNKFVYPFGMPIVQRYLRGTAEGMSLNNIYGASKQKISPRDIEEIAAHS
GLPVFVKGIQHPEDADMAIKAGASGIWVSNHGARQLYEAPGSFDTLPAIAERVNKRVPIVFDSGVRRGEHVAKALASGAD
VVALGRPVLFGLALGGWQGAYSVLDYFQKDLTRVMQLTGSQNVEDLKGLDLFDNPYGYEY
;
_entity_poly.pdbx_strand_id   A,B
#
loop_
_chem_comp.id
_chem_comp.type
_chem_comp.name
_chem_comp.formula
EDO non-polymer 1,2-ETHANEDIOL 'C2 H6 O2'
FMN non-polymer 'FLAVIN MONONUCLEOTIDE' 'C17 H21 N4 O9 P'
LAC non-polymer 'LACTIC ACID' 'C3 H6 O3'
PYR non-polymer 'PYRUVIC ACID' 'C3 H4 O3'
#
# COMPACT_ATOMS: atom_id res chain seq x y z
N TYR A 14 21.63 -3.15 -41.22
CA TYR A 14 20.94 -3.98 -40.24
C TYR A 14 19.57 -4.41 -40.75
N ASN A 15 19.40 -5.71 -40.95
CA ASN A 15 18.22 -6.25 -41.63
C ASN A 15 17.19 -6.76 -40.62
N ALA A 16 16.53 -5.81 -39.97
CA ALA A 16 15.50 -6.17 -39.00
C ALA A 16 14.27 -6.70 -39.72
N PRO A 17 13.51 -7.59 -39.07
CA PRO A 17 12.23 -8.02 -39.63
C PRO A 17 11.29 -6.83 -39.84
N SER A 18 10.39 -6.99 -40.79
CA SER A 18 9.42 -5.94 -41.12
C SER A 18 7.99 -6.45 -41.22
N GLU A 19 7.76 -7.76 -41.12
CA GLU A 19 6.43 -8.31 -41.30
C GLU A 19 5.53 -7.93 -40.13
N ILE A 20 4.27 -7.65 -40.43
CA ILE A 20 3.28 -7.29 -39.42
C ILE A 20 2.19 -8.35 -39.45
N LYS A 21 2.01 -9.06 -38.32
CA LYS A 21 1.01 -10.11 -38.22
C LYS A 21 0.77 -10.43 -36.76
N TYR A 22 -0.43 -10.92 -36.47
CA TYR A 22 -0.70 -11.47 -35.16
C TYR A 22 -0.03 -12.83 -35.05
N ILE A 23 0.28 -13.22 -33.82
CA ILE A 23 0.94 -14.50 -33.56
C ILE A 23 0.16 -15.24 -32.48
N ASP A 24 0.17 -16.56 -32.56
N ASP A 24 0.16 -16.56 -32.57
CA ASP A 24 -0.52 -17.41 -31.59
CA ASP A 24 -0.52 -17.41 -31.59
C ASP A 24 0.45 -17.70 -30.47
C ASP A 24 0.47 -17.69 -30.46
N VAL A 25 0.33 -16.97 -29.36
CA VAL A 25 1.23 -17.10 -28.24
C VAL A 25 0.72 -18.21 -27.32
N VAL A 26 1.46 -19.32 -27.29
CA VAL A 26 1.17 -20.40 -26.34
C VAL A 26 1.87 -20.14 -25.01
N ASN A 27 3.09 -19.64 -25.06
CA ASN A 27 3.83 -19.17 -23.89
C ASN A 27 4.88 -18.19 -24.40
N THR A 28 5.39 -17.35 -23.51
CA THR A 28 6.33 -16.32 -23.95
C THR A 28 7.76 -16.83 -24.05
N TYR A 29 8.07 -17.95 -23.40
CA TYR A 29 9.43 -18.48 -23.45
C TYR A 29 9.80 -18.87 -24.87
N ASP A 30 8.88 -19.50 -25.59
CA ASP A 30 9.14 -19.94 -26.94
C ASP A 30 9.37 -18.77 -27.89
N LEU A 31 8.95 -17.56 -27.53
CA LEU A 31 9.16 -16.41 -28.41
C LEU A 31 10.63 -16.08 -28.57
N GLU A 32 11.45 -16.40 -27.56
N GLU A 32 11.45 -16.40 -27.56
CA GLU A 32 12.87 -16.08 -27.63
CA GLU A 32 12.87 -16.08 -27.64
C GLU A 32 13.56 -16.83 -28.77
C GLU A 32 13.53 -16.82 -28.78
N GLU A 33 13.42 -18.16 -28.80
CA GLU A 33 14.01 -18.93 -29.87
C GLU A 33 13.40 -18.56 -31.22
N GLU A 34 12.10 -18.30 -31.25
CA GLU A 34 11.46 -17.93 -32.51
C GLU A 34 12.04 -16.62 -33.03
N ALA A 35 12.18 -15.61 -32.16
CA ALA A 35 12.75 -14.34 -32.58
C ALA A 35 14.20 -14.49 -33.03
N SER A 36 14.94 -15.43 -32.44
CA SER A 36 16.34 -15.61 -32.83
C SER A 36 16.49 -16.03 -34.29
N LYS A 37 15.43 -16.54 -34.91
N LYS A 37 15.42 -16.53 -34.90
CA LYS A 37 15.49 -16.96 -36.30
CA LYS A 37 15.47 -16.96 -36.30
C LYS A 37 15.26 -15.82 -37.28
C LYS A 37 15.24 -15.83 -37.28
N VAL A 38 14.74 -14.69 -36.82
CA VAL A 38 14.44 -13.57 -37.71
C VAL A 38 15.21 -12.29 -37.37
N VAL A 39 15.79 -12.18 -36.18
CA VAL A 39 16.52 -10.99 -35.78
C VAL A 39 18.01 -11.20 -36.05
N PRO A 40 18.72 -10.24 -36.64
CA PRO A 40 20.17 -10.38 -36.82
C PRO A 40 20.86 -10.79 -35.52
N HIS A 41 21.90 -11.62 -35.67
N HIS A 41 21.91 -11.61 -35.66
CA HIS A 41 22.55 -12.26 -34.53
CA HIS A 41 22.51 -12.25 -34.50
C HIS A 41 22.97 -11.25 -33.45
C HIS A 41 22.96 -11.25 -33.45
N GLY A 42 23.67 -10.20 -33.86
CA GLY A 42 24.18 -9.24 -32.88
C GLY A 42 23.07 -8.55 -32.11
N GLY A 43 22.08 -8.04 -32.84
CA GLY A 43 20.97 -7.38 -32.19
C GLY A 43 20.15 -8.32 -31.32
N PHE A 44 19.94 -9.55 -31.79
CA PHE A 44 19.18 -10.49 -30.99
C PHE A 44 19.87 -10.76 -29.66
N ASN A 45 21.18 -10.99 -29.70
CA ASN A 45 21.89 -11.27 -28.47
C ASN A 45 22.01 -10.03 -27.57
N TYR A 46 21.97 -8.83 -28.15
CA TYR A 46 21.84 -7.63 -27.34
C TYR A 46 20.54 -7.64 -26.55
N ILE A 47 19.44 -8.04 -27.19
CA ILE A 47 18.15 -8.05 -26.52
C ILE A 47 18.10 -9.17 -25.49
N ALA A 48 18.55 -10.37 -25.88
CA ALA A 48 18.32 -11.57 -25.08
C ALA A 48 19.32 -11.72 -23.95
N GLY A 49 20.54 -11.22 -24.13
CA GLY A 49 21.61 -11.51 -23.20
C GLY A 49 21.54 -10.74 -21.89
N ALA A 50 22.44 -11.11 -20.98
CA ALA A 50 22.49 -10.54 -19.65
C ALA A 50 23.92 -10.61 -19.13
N SER A 51 24.12 -10.11 -17.92
CA SER A 51 25.47 -9.98 -17.41
C SER A 51 26.07 -11.32 -17.03
N GLY A 52 27.40 -11.38 -17.08
CA GLY A 52 28.13 -12.58 -16.70
C GLY A 52 27.71 -13.77 -17.53
N ASP A 53 27.52 -14.90 -16.85
CA ASP A 53 27.02 -16.12 -17.47
C ASP A 53 25.50 -16.22 -17.38
N GLU A 54 24.83 -15.10 -17.09
CA GLU A 54 23.38 -14.99 -17.06
C GLU A 54 22.74 -15.67 -15.86
N TRP A 55 23.53 -16.03 -14.85
CA TRP A 55 22.96 -16.68 -13.66
C TRP A 55 21.88 -15.83 -13.01
N THR A 56 22.06 -14.50 -12.99
CA THR A 56 21.03 -13.65 -12.38
C THR A 56 19.80 -13.51 -13.28
N LYS A 57 19.94 -13.61 -14.61
CA LYS A 57 18.75 -13.69 -15.45
C LYS A 57 17.99 -14.98 -15.15
N ARG A 58 18.70 -16.08 -14.98
N ARG A 58 18.70 -16.08 -14.99
CA ARG A 58 18.05 -17.33 -14.60
CA ARG A 58 18.06 -17.33 -14.58
C ARG A 58 17.41 -17.19 -13.22
C ARG A 58 17.41 -17.19 -13.22
N ALA A 59 18.07 -16.46 -12.31
CA ALA A 59 17.50 -16.24 -10.99
C ALA A 59 16.20 -15.44 -11.06
N ASN A 60 16.14 -14.45 -11.96
CA ASN A 60 14.89 -13.71 -12.14
C ASN A 60 13.76 -14.68 -12.51
N ASP A 61 14.07 -15.67 -13.33
CA ASP A 61 13.06 -16.62 -13.77
C ASP A 61 12.73 -17.64 -12.70
N ARG A 62 13.75 -18.17 -12.03
CA ARG A 62 13.51 -19.22 -11.04
C ARG A 62 12.90 -18.67 -9.75
N ALA A 63 13.05 -17.37 -9.49
CA ALA A 63 12.47 -16.79 -8.28
C ALA A 63 10.97 -17.03 -8.20
N TRP A 64 10.29 -17.12 -9.35
CA TRP A 64 8.84 -17.31 -9.33
C TRP A 64 8.45 -18.64 -8.70
N LYS A 65 9.35 -19.62 -8.66
CA LYS A 65 9.03 -20.89 -8.02
C LYS A 65 9.25 -20.86 -6.51
N HIS A 66 9.71 -19.74 -5.95
CA HIS A 66 9.92 -19.64 -4.51
C HIS A 66 8.62 -19.38 -3.77
N LYS A 67 7.62 -18.83 -4.44
N LYS A 67 7.63 -18.81 -4.43
CA LYS A 67 6.33 -18.49 -3.85
CA LYS A 67 6.33 -18.49 -3.85
C LYS A 67 5.28 -19.01 -4.83
C LYS A 67 5.31 -19.04 -4.84
N LEU A 68 4.46 -19.95 -4.39
CA LEU A 68 3.57 -20.67 -5.28
C LEU A 68 2.11 -20.30 -5.01
N LEU A 69 1.32 -20.30 -6.08
CA LEU A 69 -0.10 -19.95 -5.98
C LEU A 69 -0.91 -21.13 -5.46
N TYR A 70 -1.95 -20.82 -4.68
CA TYR A 70 -2.95 -21.81 -4.29
C TYR A 70 -4.17 -21.67 -5.18
N PRO A 71 -4.74 -22.75 -5.71
CA PRO A 71 -6.11 -22.67 -6.22
C PRO A 71 -7.03 -22.51 -5.03
N ARG A 72 -8.07 -21.70 -5.20
CA ARG A 72 -8.97 -21.46 -4.08
C ARG A 72 -10.38 -21.16 -4.53
N LEU A 73 -11.30 -21.35 -3.59
CA LEU A 73 -12.71 -21.11 -3.82
C LEU A 73 -12.99 -19.63 -4.06
N ALA A 74 -14.02 -19.36 -4.82
CA ALA A 74 -14.46 -18.01 -5.10
C ALA A 74 -15.39 -17.51 -4.01
N GLN A 75 -15.44 -16.18 -3.87
CA GLN A 75 -16.35 -15.51 -2.95
C GLN A 75 -17.18 -14.45 -3.64
N ASP A 76 -17.20 -14.43 -4.96
CA ASP A 76 -17.94 -13.44 -5.74
C ASP A 76 -18.42 -14.11 -7.02
N VAL A 77 -19.56 -13.65 -7.53
CA VAL A 77 -20.20 -14.29 -8.69
C VAL A 77 -19.83 -13.65 -10.02
N GLU A 78 -19.14 -12.51 -10.02
CA GLU A 78 -18.93 -11.79 -11.26
C GLU A 78 -17.77 -12.39 -12.05
N ALA A 79 -17.82 -12.19 -13.36
CA ALA A 79 -16.70 -12.57 -14.22
C ALA A 79 -15.47 -11.75 -13.85
N PRO A 80 -14.28 -12.28 -14.07
CA PRO A 80 -13.07 -11.55 -13.71
C PRO A 80 -12.86 -10.30 -14.55
N ASP A 81 -12.25 -9.31 -13.92
CA ASP A 81 -11.98 -8.00 -14.53
C ASP A 81 -10.51 -7.69 -14.25
N THR A 82 -9.70 -7.54 -15.30
CA THR A 82 -8.27 -7.30 -15.12
C THR A 82 -7.91 -5.82 -15.02
N SER A 83 -8.86 -4.91 -15.10
CA SER A 83 -8.50 -3.50 -15.16
C SER A 83 -7.98 -3.00 -13.81
N THR A 84 -7.20 -1.93 -13.87
CA THR A 84 -6.70 -1.28 -12.67
C THR A 84 -6.42 0.17 -13.01
N GLU A 85 -5.93 0.92 -12.03
CA GLU A 85 -5.62 2.32 -12.22
C GLU A 85 -4.28 2.60 -11.56
N ILE A 86 -3.46 3.40 -12.22
CA ILE A 86 -2.19 3.85 -11.65
C ILE A 86 -1.96 5.29 -12.04
N LEU A 87 -1.65 6.13 -11.06
CA LEU A 87 -1.44 7.57 -11.26
C LEU A 87 -2.57 8.18 -12.09
N GLY A 88 -3.80 7.74 -11.82
CA GLY A 88 -4.97 8.27 -12.48
C GLY A 88 -5.29 7.68 -13.84
N HIS A 89 -4.41 6.85 -14.40
CA HIS A 89 -4.65 6.20 -15.68
C HIS A 89 -5.37 4.88 -15.43
N LYS A 90 -6.57 4.73 -15.98
N LYS A 90 -6.57 4.72 -16.00
CA LYS A 90 -7.22 3.42 -16.02
CA LYS A 90 -7.22 3.42 -16.00
C LYS A 90 -6.60 2.61 -17.14
C LYS A 90 -6.63 2.60 -17.14
N ILE A 91 -6.12 1.41 -16.81
CA ILE A 91 -5.47 0.53 -17.78
C ILE A 91 -6.17 -0.81 -17.80
N LYS A 92 -6.08 -1.49 -18.95
CA LYS A 92 -6.89 -2.69 -19.20
C LYS A 92 -6.43 -3.88 -18.36
N ALA A 93 -5.17 -3.91 -17.95
CA ALA A 93 -4.60 -5.00 -17.17
C ALA A 93 -3.46 -4.42 -16.37
N PRO A 94 -3.04 -5.09 -15.27
CA PRO A 94 -2.05 -4.51 -14.34
C PRO A 94 -0.61 -4.69 -14.82
N PHE A 95 -0.36 -4.34 -16.07
CA PHE A 95 0.98 -4.36 -16.62
C PHE A 95 1.12 -3.22 -17.60
N ILE A 96 2.35 -2.69 -17.67
CA ILE A 96 2.73 -1.59 -18.54
C ILE A 96 3.95 -2.04 -19.34
N MET A 97 4.32 -1.22 -20.33
CA MET A 97 5.52 -1.49 -21.11
C MET A 97 6.75 -0.90 -20.44
N ALA A 98 7.78 -1.72 -20.22
CA ALA A 98 9.02 -1.22 -19.65
C ALA A 98 9.77 -0.37 -20.66
N PRO A 99 10.58 0.59 -20.21
CA PRO A 99 11.41 1.37 -21.13
C PRO A 99 12.56 0.51 -21.64
N ILE A 100 12.64 0.39 -22.95
CA ILE A 100 13.65 -0.44 -23.61
C ILE A 100 14.20 0.35 -24.79
N ALA A 101 15.52 0.44 -24.88
CA ALA A 101 16.17 1.16 -25.96
C ALA A 101 16.07 0.41 -27.28
N ALA A 102 16.13 1.16 -28.38
CA ALA A 102 16.53 0.62 -29.68
C ALA A 102 15.63 -0.53 -30.14
N HIS A 103 14.31 -0.28 -30.18
CA HIS A 103 13.39 -1.31 -30.66
C HIS A 103 13.64 -1.67 -32.12
N GLY A 104 14.32 -0.80 -32.87
CA GLY A 104 14.66 -1.11 -34.25
C GLY A 104 15.56 -2.32 -34.39
N LEU A 105 16.18 -2.77 -33.30
CA LEU A 105 16.93 -4.02 -33.37
C LEU A 105 16.00 -5.20 -33.58
N ALA A 106 14.74 -5.07 -33.14
CA ALA A 106 13.77 -6.14 -33.25
C ALA A 106 12.91 -6.03 -34.49
N HIS A 107 12.56 -4.83 -34.94
CA HIS A 107 11.61 -4.66 -36.04
C HIS A 107 11.78 -3.28 -36.65
N THR A 108 11.57 -3.20 -37.97
CA THR A 108 11.76 -1.93 -38.68
C THR A 108 10.81 -0.85 -38.17
N THR A 109 9.65 -1.23 -37.64
CA THR A 109 8.71 -0.22 -37.15
C THR A 109 9.10 0.28 -35.76
N LYS A 110 10.08 -0.38 -35.12
CA LYS A 110 10.73 0.10 -33.91
C LYS A 110 9.72 0.58 -32.85
N GLU A 111 10.03 1.69 -32.17
CA GLU A 111 9.24 2.08 -31.01
C GLU A 111 7.81 2.47 -31.42
N ALA A 112 7.60 2.90 -32.66
CA ALA A 112 6.26 3.23 -33.11
C ALA A 112 5.39 1.97 -33.13
N GLY A 113 5.96 0.84 -33.52
CA GLY A 113 5.22 -0.40 -33.51
C GLY A 113 4.86 -0.82 -32.09
N THR A 114 5.82 -0.76 -31.17
CA THR A 114 5.50 -1.10 -29.79
C THR A 114 4.45 -0.18 -29.23
N ALA A 115 4.59 1.13 -29.50
CA ALA A 115 3.63 2.10 -28.98
C ALA A 115 2.23 1.84 -29.51
N ARG A 116 2.11 1.43 -30.78
CA ARG A 116 0.77 1.15 -31.31
C ARG A 116 0.16 -0.04 -30.60
N ALA A 117 0.94 -1.09 -30.36
CA ALA A 117 0.42 -2.25 -29.65
C ALA A 117 -0.03 -1.86 -28.25
N VAL A 118 0.80 -1.08 -27.55
CA VAL A 118 0.51 -0.73 -26.16
C VAL A 118 -0.71 0.17 -26.07
N SER A 119 -0.82 1.15 -26.97
N SER A 119 -0.83 1.14 -26.98
CA SER A 119 -1.96 2.05 -26.95
CA SER A 119 -1.96 2.05 -26.94
C SER A 119 -3.24 1.32 -27.34
C SER A 119 -3.25 1.35 -27.38
N GLU A 120 -3.18 0.50 -28.40
CA GLU A 120 -4.37 -0.23 -28.83
C GLU A 120 -4.83 -1.21 -27.75
N PHE A 121 -3.88 -1.85 -27.06
CA PHE A 121 -4.25 -2.74 -25.98
C PHE A 121 -4.89 -1.97 -24.82
N GLY A 122 -4.36 -0.79 -24.51
CA GLY A 122 -4.91 0.02 -23.44
C GLY A 122 -4.07 0.06 -22.17
N THR A 123 -2.76 0.19 -22.30
CA THR A 123 -1.93 0.44 -21.14
C THR A 123 -0.92 1.55 -21.47
N ILE A 124 0.08 1.68 -20.60
CA ILE A 124 1.01 2.81 -20.61
C ILE A 124 2.29 2.41 -21.32
N MET A 125 2.76 3.28 -22.22
CA MET A 125 4.02 3.11 -22.91
C MET A 125 5.11 3.85 -22.14
N SER A 126 6.23 3.18 -21.89
CA SER A 126 7.41 3.83 -21.35
C SER A 126 8.40 4.06 -22.49
N ILE A 127 8.85 5.29 -22.63
CA ILE A 127 9.74 5.69 -23.71
C ILE A 127 11.15 5.82 -23.14
N SER A 128 12.08 5.02 -23.65
CA SER A 128 13.48 5.15 -23.28
C SER A 128 14.07 6.41 -23.90
N ALA A 129 14.88 7.13 -23.13
CA ALA A 129 15.61 8.25 -23.70
C ALA A 129 16.49 7.80 -24.86
N TYR A 130 16.90 6.53 -24.87
CA TYR A 130 17.72 5.96 -25.93
C TYR A 130 16.90 5.30 -27.03
N SER A 131 15.67 5.75 -27.25
N SER A 131 15.67 5.77 -27.23
CA SER A 131 14.86 5.22 -28.33
CA SER A 131 14.86 5.33 -28.36
C SER A 131 15.47 5.56 -29.68
C SER A 131 15.59 5.53 -29.67
N GLY A 132 15.40 4.60 -30.60
CA GLY A 132 15.87 4.81 -31.96
C GLY A 132 14.91 5.61 -32.82
N ALA A 133 13.67 5.73 -32.40
CA ALA A 133 12.66 6.51 -33.09
C ALA A 133 12.58 7.91 -32.51
N THR A 134 12.28 8.88 -33.37
CA THR A 134 11.95 10.21 -32.89
C THR A 134 10.62 10.15 -32.13
N PHE A 135 10.38 11.16 -31.30
CA PHE A 135 9.10 11.21 -30.61
C PHE A 135 7.94 11.31 -31.60
N GLU A 136 8.11 12.10 -32.66
N GLU A 136 8.12 12.10 -32.67
CA GLU A 136 7.03 12.19 -33.65
CA GLU A 136 7.08 12.20 -33.68
C GLU A 136 6.68 10.81 -34.19
C GLU A 136 6.69 10.84 -34.21
N GLU A 137 7.69 9.97 -34.46
CA GLU A 137 7.41 8.62 -34.90
C GLU A 137 6.66 7.84 -33.83
N ILE A 138 7.11 7.92 -32.57
CA ILE A 138 6.43 7.24 -31.48
C ILE A 138 5.02 7.78 -31.31
N SER A 139 4.86 9.11 -31.40
CA SER A 139 3.56 9.73 -31.18
C SER A 139 2.52 9.20 -32.16
N GLU A 140 2.92 8.97 -33.41
CA GLU A 140 1.99 8.42 -34.39
C GLU A 140 1.47 7.05 -33.94
N GLY A 141 2.37 6.21 -33.43
CA GLY A 141 1.93 4.91 -32.92
C GLY A 141 1.05 5.04 -31.69
N LEU A 142 1.40 5.97 -30.79
CA LEU A 142 0.67 6.11 -29.53
C LEU A 142 -0.76 6.57 -29.77
N ASN A 143 -0.98 7.44 -30.76
CA ASN A 143 -2.31 7.93 -31.09
C ASN A 143 -3.04 8.42 -29.83
N GLY A 144 -2.34 9.19 -29.02
CA GLY A 144 -2.93 9.77 -27.83
C GLY A 144 -2.81 8.96 -26.56
N GLY A 145 -2.30 7.73 -26.64
CA GLY A 145 -2.22 6.86 -25.49
C GLY A 145 -1.25 7.38 -24.44
N PRO A 146 -1.42 6.95 -23.19
CA PRO A 146 -0.58 7.47 -22.12
C PRO A 146 0.87 7.01 -22.26
N ARG A 147 1.79 7.88 -21.87
CA ARG A 147 3.20 7.57 -21.96
C ARG A 147 3.97 8.16 -20.77
N TRP A 148 4.96 7.41 -20.31
CA TRP A 148 5.93 7.83 -19.32
C TRP A 148 7.28 7.91 -20.00
N PHE A 149 8.15 8.78 -19.50
CA PHE A 149 9.44 9.06 -20.12
C PHE A 149 10.55 8.64 -19.20
N GLN A 150 11.45 7.78 -19.69
CA GLN A 150 12.57 7.28 -18.89
C GLN A 150 13.82 8.06 -19.22
N ILE A 151 14.55 8.47 -18.18
CA ILE A 151 15.77 9.26 -18.32
C ILE A 151 16.87 8.64 -17.48
N TYR A 152 18.10 9.00 -17.83
CA TYR A 152 19.27 8.79 -16.99
C TYR A 152 19.71 10.15 -16.46
N MET A 153 20.40 10.13 -15.32
CA MET A 153 20.90 11.37 -14.73
C MET A 153 22.14 11.80 -15.49
N ALA A 154 22.09 12.98 -16.12
CA ALA A 154 23.26 13.51 -16.80
C ALA A 154 24.18 14.22 -15.81
N LYS A 155 25.48 14.14 -16.07
CA LYS A 155 26.44 14.93 -15.31
C LYS A 155 26.27 16.43 -15.60
N ASP A 156 25.94 16.77 -16.85
CA ASP A 156 25.72 18.14 -17.27
C ASP A 156 24.26 18.48 -16.95
N ASP A 157 24.05 19.34 -15.96
N ASP A 157 24.06 19.33 -15.94
CA ASP A 157 22.69 19.56 -15.49
CA ASP A 157 22.70 19.63 -15.46
C ASP A 157 21.80 20.21 -16.54
C ASP A 157 21.82 20.13 -16.59
N GLN A 158 22.39 20.92 -17.51
CA GLN A 158 21.58 21.46 -18.60
C GLN A 158 20.90 20.35 -19.38
N GLN A 159 21.57 19.21 -19.53
CA GLN A 159 20.97 18.09 -20.24
C GLN A 159 19.79 17.52 -19.48
N ASN A 160 19.84 17.55 -18.14
CA ASN A 160 18.67 17.14 -17.35
C ASN A 160 17.51 18.09 -17.55
N ARG A 161 17.77 19.40 -17.54
N ARG A 161 17.77 19.40 -17.50
CA ARG A 161 16.73 20.38 -17.83
CA ARG A 161 16.73 20.36 -17.84
C ARG A 161 16.17 20.16 -19.22
C ARG A 161 16.15 20.07 -19.21
N ASP A 162 17.04 19.86 -20.19
CA ASP A 162 16.60 19.62 -21.56
C ASP A 162 15.65 18.43 -21.63
N ILE A 163 16.02 17.30 -21.04
CA ILE A 163 15.23 16.10 -21.23
C ILE A 163 13.93 16.19 -20.45
N LEU A 164 13.93 16.89 -19.31
CA LEU A 164 12.67 17.08 -18.59
C LEU A 164 11.72 17.95 -19.38
N ASP A 165 12.25 18.96 -20.08
CA ASP A 165 11.43 19.76 -20.97
C ASP A 165 10.90 18.90 -22.12
N GLU A 166 11.74 18.03 -22.67
CA GLU A 166 11.30 17.12 -23.73
C GLU A 166 10.13 16.28 -23.25
N ALA A 167 10.27 15.68 -22.06
CA ALA A 167 9.23 14.81 -21.54
C ALA A 167 7.90 15.55 -21.42
N LYS A 168 7.94 16.76 -20.87
CA LYS A 168 6.72 17.55 -20.74
C LYS A 168 6.13 17.89 -22.09
N SER A 169 6.97 18.32 -23.04
N SER A 169 6.97 18.32 -23.04
CA SER A 169 6.47 18.63 -24.38
CA SER A 169 6.47 18.63 -24.38
C SER A 169 5.89 17.40 -25.05
C SER A 169 5.87 17.40 -25.05
N ASP A 170 6.37 16.21 -24.71
CA ASP A 170 5.90 14.96 -25.29
C ASP A 170 4.68 14.39 -24.56
N GLY A 171 4.09 15.14 -23.64
CA GLY A 171 2.89 14.68 -22.95
C GLY A 171 3.11 13.62 -21.91
N ALA A 172 4.34 13.43 -21.43
CA ALA A 172 4.58 12.42 -20.42
C ALA A 172 3.83 12.75 -19.15
N THR A 173 3.33 11.72 -18.47
CA THR A 173 2.64 11.90 -17.21
C THR A 173 3.41 11.31 -16.03
N ALA A 174 4.61 10.81 -16.27
CA ALA A 174 5.54 10.45 -15.21
C ALA A 174 6.93 10.39 -15.82
N ILE A 175 7.93 10.56 -14.96
CA ILE A 175 9.34 10.37 -15.29
C ILE A 175 9.80 9.09 -14.62
N ILE A 176 10.56 8.29 -15.36
CA ILE A 176 11.20 7.08 -14.84
C ILE A 176 12.69 7.40 -14.77
N LEU A 177 13.23 7.57 -13.56
CA LEU A 177 14.64 7.86 -13.37
C LEU A 177 15.36 6.54 -13.11
N THR A 178 16.08 6.06 -14.11
CA THR A 178 16.78 4.79 -13.99
C THR A 178 18.10 5.01 -13.28
N ALA A 179 18.28 4.32 -12.16
CA ALA A 179 19.40 4.55 -11.26
C ALA A 179 20.48 3.50 -11.38
N ASP A 180 20.20 2.37 -12.04
CA ASP A 180 21.03 1.19 -11.95
C ASP A 180 21.96 1.04 -13.14
N SER A 181 22.20 2.13 -13.87
CA SER A 181 22.93 2.08 -15.13
C SER A 181 24.05 3.11 -15.18
N THR A 182 24.69 3.38 -14.03
CA THR A 182 25.81 4.31 -14.02
C THR A 182 26.86 3.90 -15.03
N VAL A 183 27.10 2.58 -15.15
CA VAL A 183 27.91 1.99 -16.20
C VAL A 183 27.19 0.72 -16.64
N SER A 184 27.63 0.19 -17.76
CA SER A 184 26.99 -1.00 -18.32
C SER A 184 27.33 -2.24 -17.49
N GLY A 185 26.40 -3.18 -17.47
CA GLY A 185 26.70 -4.51 -16.97
C GLY A 185 27.74 -5.20 -17.84
N ASN A 186 28.31 -6.28 -17.29
CA ASN A 186 29.29 -7.10 -17.98
C ASN A 186 28.54 -8.09 -18.86
N ARG A 187 28.10 -7.59 -20.03
CA ARG A 187 27.21 -8.33 -20.93
C ARG A 187 28.07 -9.12 -21.91
N ASP A 188 28.41 -10.36 -21.52
CA ASP A 188 29.39 -11.14 -22.28
C ASP A 188 28.99 -11.33 -23.73
N ARG A 189 27.70 -11.52 -24.01
CA ARG A 189 27.28 -11.73 -25.39
C ARG A 189 27.69 -10.55 -26.26
N ASP A 190 27.46 -9.33 -25.77
CA ASP A 190 27.75 -8.15 -26.58
C ASP A 190 29.25 -7.97 -26.77
N VAL A 191 30.05 -8.23 -25.74
CA VAL A 191 31.50 -8.14 -25.87
C VAL A 191 32.00 -9.14 -26.89
N LYS A 192 31.54 -10.39 -26.79
CA LYS A 192 32.03 -11.44 -27.70
C LYS A 192 31.56 -11.21 -29.12
N ASN A 193 30.34 -10.72 -29.29
CA ASN A 193 29.83 -10.37 -30.61
C ASN A 193 30.36 -9.06 -31.14
N LYS A 194 31.09 -8.30 -30.31
CA LYS A 194 31.55 -6.95 -30.68
C LYS A 194 30.39 -6.14 -31.23
N PHE A 195 29.27 -6.17 -30.51
CA PHE A 195 28.05 -5.54 -30.99
C PHE A 195 28.18 -4.02 -30.97
N VAL A 196 27.62 -3.39 -32.00
CA VAL A 196 27.61 -1.93 -32.12
C VAL A 196 26.21 -1.52 -32.57
N TYR A 197 25.64 -0.53 -31.90
CA TYR A 197 24.35 0.03 -32.28
C TYR A 197 24.38 0.45 -33.75
N PRO A 198 23.48 -0.05 -34.59
N PRO A 198 23.49 -0.06 -34.59
CA PRO A 198 23.52 0.32 -36.02
CA PRO A 198 23.52 0.31 -36.01
C PRO A 198 22.85 1.64 -36.34
C PRO A 198 22.84 1.63 -36.35
N PHE A 199 22.13 2.24 -35.40
CA PHE A 199 21.42 3.49 -35.65
C PHE A 199 21.60 4.42 -34.47
N GLY A 200 21.07 5.64 -34.60
CA GLY A 200 21.30 6.69 -33.63
C GLY A 200 20.19 6.78 -32.58
N MET A 201 20.35 7.78 -31.71
N MET A 201 20.32 7.80 -31.74
CA MET A 201 19.40 8.06 -30.63
CA MET A 201 19.40 8.06 -30.64
C MET A 201 18.89 9.48 -30.85
C MET A 201 18.86 9.47 -30.80
N PRO A 202 17.86 9.65 -31.67
CA PRO A 202 17.45 11.02 -32.04
C PRO A 202 17.01 11.90 -30.89
N ILE A 203 16.40 11.34 -29.84
CA ILE A 203 15.90 12.18 -28.77
C ILE A 203 17.05 12.80 -27.99
N VAL A 204 18.04 11.98 -27.63
N VAL A 204 18.05 11.99 -27.63
CA VAL A 204 19.20 12.50 -26.92
CA VAL A 204 19.19 12.54 -26.92
C VAL A 204 20.02 13.42 -27.84
C VAL A 204 20.03 13.42 -27.84
N GLN A 205 20.13 13.05 -29.12
CA GLN A 205 20.94 13.84 -30.05
C GLN A 205 20.34 15.23 -30.27
N ARG A 206 19.01 15.34 -30.23
N ARG A 206 19.01 15.34 -30.23
CA ARG A 206 18.36 16.65 -30.32
CA ARG A 206 18.38 16.65 -30.32
C ARG A 206 18.96 17.63 -29.31
C ARG A 206 18.99 17.63 -29.33
N TYR A 207 19.39 17.15 -28.15
CA TYR A 207 19.89 18.01 -27.10
C TYR A 207 21.40 17.98 -26.94
N LEU A 208 22.05 16.87 -27.31
CA LEU A 208 23.49 16.75 -27.13
C LEU A 208 24.30 17.39 -28.26
N ARG A 209 23.69 17.55 -29.44
CA ARG A 209 24.39 18.07 -30.61
C ARG A 209 25.17 19.34 -30.26
N GLY A 210 26.48 19.31 -30.49
CA GLY A 210 27.33 20.47 -30.31
C GLY A 210 27.85 20.68 -28.91
N THR A 211 27.39 19.90 -27.93
CA THR A 211 27.75 20.15 -26.54
C THR A 211 28.99 19.35 -26.12
N ASN A 219 30.22 9.10 -26.25
CA ASN A 219 30.13 10.19 -25.28
C ASN A 219 28.71 10.32 -24.73
N ILE A 220 27.74 9.75 -25.45
CA ILE A 220 26.35 9.77 -24.96
C ILE A 220 26.24 8.94 -23.69
N TYR A 221 26.70 7.68 -23.74
CA TYR A 221 26.68 6.84 -22.54
C TYR A 221 27.50 7.47 -21.42
N GLY A 222 28.65 8.06 -21.75
CA GLY A 222 29.49 8.69 -20.75
C GLY A 222 28.95 10.00 -20.21
N ALA A 223 27.86 10.51 -20.79
CA ALA A 223 27.25 11.72 -20.27
C ALA A 223 26.47 11.49 -19.00
N SER A 224 26.17 10.23 -18.66
CA SER A 224 25.30 9.90 -17.55
C SER A 224 26.11 9.69 -16.28
N LYS A 225 25.51 10.09 -15.16
CA LYS A 225 26.11 10.01 -13.84
C LYS A 225 25.73 8.71 -13.17
N ILE A 228 23.19 7.18 -9.35
CA ILE A 228 22.55 8.36 -8.75
C ILE A 228 22.55 8.28 -7.22
N SER A 229 22.42 9.44 -6.59
CA SER A 229 22.32 9.57 -5.15
C SER A 229 20.93 10.10 -4.77
N PRO A 230 20.59 10.06 -3.49
CA PRO A 230 19.35 10.72 -3.06
C PRO A 230 19.26 12.17 -3.46
N ARG A 231 20.37 12.90 -3.46
CA ARG A 231 20.34 14.30 -3.88
C ARG A 231 19.94 14.44 -5.34
N ASP A 232 20.40 13.52 -6.20
CA ASP A 232 19.97 13.54 -7.60
C ASP A 232 18.47 13.31 -7.71
N ILE A 233 17.95 12.34 -6.96
CA ILE A 233 16.51 12.08 -6.97
C ILE A 233 15.75 13.35 -6.57
N GLU A 234 16.22 14.02 -5.52
CA GLU A 234 15.57 15.23 -5.07
C GLU A 234 15.56 16.29 -6.17
N GLU A 235 16.68 16.45 -6.87
N GLU A 235 16.68 16.44 -6.88
CA GLU A 235 16.75 17.45 -7.93
CA GLU A 235 16.76 17.45 -7.93
C GLU A 235 15.75 17.15 -9.04
C GLU A 235 15.79 17.15 -9.06
N ILE A 236 15.72 15.90 -9.50
CA ILE A 236 14.80 15.54 -10.59
C ILE A 236 13.36 15.71 -10.13
N ALA A 237 13.04 15.24 -8.92
CA ALA A 237 11.67 15.36 -8.42
C ALA A 237 11.25 16.81 -8.25
N ALA A 238 12.17 17.69 -7.89
CA ALA A 238 11.83 19.09 -7.67
C ALA A 238 11.61 19.85 -8.97
N HIS A 239 12.21 19.40 -10.08
CA HIS A 239 12.19 20.18 -11.32
C HIS A 239 11.40 19.54 -12.45
N SER A 240 10.90 18.32 -12.28
CA SER A 240 10.26 17.63 -13.39
C SER A 240 8.82 18.08 -13.62
N GLY A 241 8.13 18.55 -12.57
CA GLY A 241 6.71 18.83 -12.69
C GLY A 241 5.84 17.61 -12.85
N LEU A 242 6.39 16.42 -12.65
CA LEU A 242 5.72 15.15 -12.85
C LEU A 242 6.15 14.18 -11.76
N PRO A 243 5.31 13.19 -11.45
CA PRO A 243 5.75 12.14 -10.52
C PRO A 243 6.97 11.41 -11.07
N VAL A 244 7.92 11.13 -10.19
CA VAL A 244 9.17 10.47 -10.57
C VAL A 244 9.22 9.09 -9.93
N PHE A 245 9.34 8.05 -10.76
CA PHE A 245 9.66 6.71 -10.31
C PHE A 245 11.17 6.56 -10.32
N VAL A 246 11.72 5.95 -9.27
CA VAL A 246 13.13 5.57 -9.27
C VAL A 246 13.20 4.09 -9.60
N LYS A 247 13.88 3.78 -10.70
CA LYS A 247 13.91 2.45 -11.27
C LYS A 247 15.26 1.79 -11.04
N GLY A 248 15.23 0.52 -10.65
CA GLY A 248 16.43 -0.24 -10.36
C GLY A 248 16.60 -0.57 -8.90
N ILE A 249 15.60 -0.23 -8.08
CA ILE A 249 15.67 -0.47 -6.64
C ILE A 249 15.56 -1.97 -6.37
N GLN A 250 16.46 -2.46 -5.52
CA GLN A 250 16.43 -3.84 -5.06
C GLN A 250 16.61 -3.95 -3.54
N HIS A 251 16.93 -2.86 -2.85
CA HIS A 251 17.18 -2.87 -1.43
C HIS A 251 16.18 -1.96 -0.72
N PRO A 252 15.58 -2.39 0.39
N PRO A 252 15.57 -2.40 0.38
CA PRO A 252 14.53 -1.55 1.03
CA PRO A 252 14.49 -1.59 0.99
C PRO A 252 15.02 -0.19 1.50
C PRO A 252 14.95 -0.25 1.52
N GLU A 253 16.25 -0.09 2.01
N GLU A 253 16.20 -0.13 1.95
CA GLU A 253 16.71 1.21 2.49
CA GLU A 253 16.67 1.15 2.46
C GLU A 253 16.82 2.22 1.36
C GLU A 253 16.74 2.18 1.34
N ASP A 254 17.17 1.76 0.15
CA ASP A 254 17.15 2.67 -0.99
C ASP A 254 15.74 3.15 -1.29
N ALA A 255 14.75 2.26 -1.15
CA ALA A 255 13.37 2.67 -1.39
C ALA A 255 12.98 3.77 -0.40
N ASP A 256 13.31 3.60 0.87
CA ASP A 256 12.99 4.62 1.87
C ASP A 256 13.69 5.92 1.56
N MET A 257 14.98 5.85 1.23
CA MET A 257 15.73 7.07 0.92
C MET A 257 15.17 7.77 -0.31
N ALA A 258 14.79 6.99 -1.32
CA ALA A 258 14.25 7.59 -2.54
C ALA A 258 12.95 8.31 -2.27
N ILE A 259 12.06 7.70 -1.48
CA ILE A 259 10.80 8.36 -1.13
C ILE A 259 11.05 9.63 -0.34
N LYS A 260 11.96 9.59 0.62
CA LYS A 260 12.24 10.76 1.43
C LYS A 260 12.85 11.88 0.59
N ALA A 261 13.51 11.53 -0.51
CA ALA A 261 14.08 12.50 -1.42
C ALA A 261 13.07 13.06 -2.40
N GLY A 262 11.85 12.53 -2.42
CA GLY A 262 10.81 13.06 -3.26
C GLY A 262 10.29 12.15 -4.37
N ALA A 263 10.76 10.91 -4.44
CA ALA A 263 10.21 10.00 -5.43
C ALA A 263 8.71 9.80 -5.21
N SER A 264 7.96 9.73 -6.30
CA SER A 264 6.53 9.45 -6.26
C SER A 264 6.21 8.02 -6.61
N GLY A 265 7.22 7.18 -6.79
CA GLY A 265 7.02 5.79 -7.11
C GLY A 265 8.34 5.04 -7.02
N ILE A 266 8.26 3.75 -6.73
CA ILE A 266 9.42 2.89 -6.67
C ILE A 266 9.25 1.83 -7.74
N TRP A 267 10.27 1.67 -8.58
CA TRP A 267 10.23 0.71 -9.68
C TRP A 267 11.30 -0.33 -9.38
N VAL A 268 10.84 -1.44 -8.81
CA VAL A 268 11.69 -2.55 -8.41
C VAL A 268 12.14 -3.28 -9.67
N SER A 269 13.44 -3.41 -9.86
CA SER A 269 13.97 -3.88 -11.12
C SER A 269 15.46 -4.18 -10.95
N ASN A 270 15.95 -5.17 -11.69
CA ASN A 270 17.39 -5.28 -11.92
C ASN A 270 17.71 -5.16 -13.41
N HIS A 271 16.85 -4.45 -14.15
CA HIS A 271 17.15 -4.13 -15.52
C HIS A 271 17.20 -5.41 -16.36
N GLY A 272 16.37 -6.40 -16.04
CA GLY A 272 16.40 -7.64 -16.78
C GLY A 272 17.72 -8.38 -16.66
N ALA A 273 18.40 -8.22 -15.53
CA ALA A 273 19.69 -8.84 -15.25
C ALA A 273 20.81 -8.33 -16.17
N ARG A 274 20.61 -7.18 -16.81
CA ARG A 274 21.59 -6.62 -17.74
C ARG A 274 22.62 -5.74 -17.06
N GLN A 275 22.51 -5.57 -15.75
CA GLN A 275 23.40 -4.71 -14.99
C GLN A 275 24.19 -5.53 -13.96
N LEU A 276 23.95 -5.37 -12.67
CA LEU A 276 24.78 -6.05 -11.69
C LEU A 276 24.61 -7.57 -11.73
N TYR A 277 25.73 -8.27 -11.82
CA TYR A 277 25.80 -9.73 -11.84
C TYR A 277 25.92 -10.30 -10.42
N GLU A 278 25.44 -11.52 -10.24
CA GLU A 278 25.58 -12.24 -8.96
C GLU A 278 24.80 -11.52 -7.86
N ALA A 279 23.65 -11.01 -8.24
CA ALA A 279 22.64 -10.34 -7.45
C ALA A 279 21.40 -11.22 -7.40
N PRO A 280 20.46 -10.94 -6.50
N PRO A 280 20.46 -10.93 -6.50
CA PRO A 280 19.26 -11.77 -6.40
CA PRO A 280 19.27 -11.77 -6.38
C PRO A 280 18.36 -11.66 -7.61
C PRO A 280 18.35 -11.66 -7.60
N GLY A 281 17.53 -12.68 -7.77
CA GLY A 281 16.40 -12.56 -8.67
C GLY A 281 15.46 -11.48 -8.19
N SER A 282 14.98 -10.65 -9.13
CA SER A 282 14.27 -9.44 -8.75
C SER A 282 13.05 -9.74 -7.86
N PHE A 283 12.27 -10.77 -8.21
CA PHE A 283 11.08 -11.06 -7.43
C PHE A 283 11.40 -11.35 -5.96
N ASP A 284 12.57 -11.95 -5.68
CA ASP A 284 12.93 -12.23 -4.30
C ASP A 284 13.12 -10.96 -3.47
N THR A 285 13.40 -9.82 -4.10
CA THR A 285 13.62 -8.57 -3.38
C THR A 285 12.33 -7.80 -3.12
N LEU A 286 11.23 -8.20 -3.76
CA LEU A 286 10.03 -7.37 -3.76
C LEU A 286 9.38 -7.29 -2.38
N PRO A 287 9.13 -8.39 -1.66
CA PRO A 287 8.41 -8.24 -0.39
C PRO A 287 9.08 -7.31 0.59
N ALA A 288 10.41 -7.39 0.73
CA ALA A 288 11.08 -6.51 1.69
C ALA A 288 10.94 -5.06 1.30
N ILE A 289 10.98 -4.77 0.00
CA ILE A 289 10.76 -3.39 -0.46
C ILE A 289 9.32 -2.95 -0.20
N ALA A 290 8.35 -3.81 -0.56
CA ALA A 290 6.95 -3.43 -0.37
C ALA A 290 6.63 -3.18 1.10
N GLU A 291 7.24 -3.97 1.99
CA GLU A 291 6.97 -3.78 3.41
C GLU A 291 7.49 -2.44 3.91
N ARG A 292 8.63 -2.00 3.36
N ARG A 292 8.64 -1.99 3.39
CA ARG A 292 9.24 -0.74 3.75
CA ARG A 292 9.15 -0.70 3.83
C ARG A 292 8.51 0.43 3.10
C ARG A 292 8.49 0.46 3.10
N VAL A 293 8.13 0.29 1.83
CA VAL A 293 7.36 1.33 1.15
C VAL A 293 6.04 1.54 1.86
N ASN A 294 5.39 0.44 2.24
CA ASN A 294 4.21 0.47 3.10
C ASN A 294 3.18 1.48 2.60
N LYS A 295 2.83 1.37 1.32
N LYS A 295 2.83 1.37 1.32
CA LYS A 295 1.75 2.09 0.64
CA LYS A 295 1.73 2.09 0.71
C LYS A 295 2.10 3.54 0.32
C LYS A 295 2.06 3.57 0.44
N ARG A 296 3.28 4.02 0.68
CA ARG A 296 3.58 5.45 0.56
C ARG A 296 3.51 5.93 -0.89
N VAL A 297 3.99 5.11 -1.82
CA VAL A 297 3.96 5.42 -3.25
C VAL A 297 3.68 4.14 -4.00
N PRO A 298 3.21 4.23 -5.24
CA PRO A 298 3.01 3.02 -6.04
C PRO A 298 4.32 2.30 -6.32
N ILE A 299 4.22 1.00 -6.48
CA ILE A 299 5.35 0.15 -6.85
C ILE A 299 5.08 -0.46 -8.23
N VAL A 300 6.02 -0.27 -9.14
CA VAL A 300 6.09 -1.02 -10.37
C VAL A 300 7.15 -2.09 -10.16
N PHE A 301 6.86 -3.33 -10.58
CA PHE A 301 7.81 -4.42 -10.50
C PHE A 301 8.17 -4.91 -11.89
N ASP A 302 9.47 -5.15 -12.12
CA ASP A 302 9.87 -5.85 -13.33
C ASP A 302 11.09 -6.71 -13.09
N SER A 303 11.43 -7.47 -14.14
CA SER A 303 12.63 -8.24 -14.38
C SER A 303 12.30 -9.72 -14.24
N GLY A 304 11.81 -10.31 -15.34
CA GLY A 304 11.53 -11.73 -15.40
C GLY A 304 10.06 -12.11 -15.56
N VAL A 305 9.15 -11.16 -15.71
CA VAL A 305 7.74 -11.50 -15.87
C VAL A 305 7.53 -12.18 -17.22
N ARG A 306 7.04 -13.42 -17.20
CA ARG A 306 6.81 -14.21 -18.41
C ARG A 306 5.44 -14.85 -18.48
N ARG A 307 4.68 -14.87 -17.39
CA ARG A 307 3.41 -15.57 -17.32
C ARG A 307 2.41 -14.76 -16.51
N GLY A 308 1.13 -15.04 -16.72
CA GLY A 308 0.10 -14.46 -15.88
C GLY A 308 0.28 -14.78 -14.41
N GLU A 309 0.81 -15.98 -14.11
CA GLU A 309 1.07 -16.33 -12.72
C GLU A 309 2.07 -15.36 -12.08
N HIS A 310 3.01 -14.86 -12.88
CA HIS A 310 4.01 -13.93 -12.37
C HIS A 310 3.38 -12.58 -12.06
N VAL A 311 2.49 -12.12 -12.94
CA VAL A 311 1.75 -10.90 -12.66
C VAL A 311 1.01 -11.02 -11.34
N ALA A 312 0.30 -12.14 -11.15
CA ALA A 312 -0.46 -12.36 -9.94
C ALA A 312 0.44 -12.38 -8.71
N LYS A 313 1.56 -13.09 -8.80
CA LYS A 313 2.47 -13.19 -7.65
C LYS A 313 3.05 -11.83 -7.27
N ALA A 314 3.39 -11.02 -8.28
CA ALA A 314 3.93 -9.69 -8.00
C ALA A 314 2.89 -8.84 -7.28
N LEU A 315 1.64 -8.88 -7.74
N LEU A 315 1.65 -8.86 -7.78
CA LEU A 315 0.59 -8.10 -7.08
CA LEU A 315 0.56 -8.15 -7.11
C LEU A 315 0.34 -8.61 -5.67
C LEU A 315 0.41 -8.61 -5.67
N ALA A 316 0.38 -9.93 -5.47
CA ALA A 316 0.19 -10.48 -4.13
C ALA A 316 1.34 -10.10 -3.21
N SER A 317 2.48 -9.74 -3.77
CA SER A 317 3.68 -9.42 -3.01
C SER A 317 3.93 -7.93 -2.87
N GLY A 318 3.02 -7.08 -3.34
CA GLY A 318 3.10 -5.65 -3.07
C GLY A 318 3.25 -4.75 -4.28
N ALA A 319 3.39 -5.28 -5.50
CA ALA A 319 3.44 -4.43 -6.67
C ALA A 319 2.04 -3.96 -7.05
N ASP A 320 1.95 -2.74 -7.56
CA ASP A 320 0.68 -2.25 -8.11
C ASP A 320 0.49 -2.66 -9.56
N VAL A 321 1.57 -2.66 -10.34
CA VAL A 321 1.58 -3.18 -11.70
C VAL A 321 2.95 -3.78 -11.92
N VAL A 322 3.07 -4.59 -12.96
CA VAL A 322 4.36 -5.05 -13.44
C VAL A 322 4.65 -4.37 -14.76
N ALA A 323 5.92 -4.37 -15.16
CA ALA A 323 6.32 -3.92 -16.48
C ALA A 323 6.85 -5.10 -17.29
N LEU A 324 6.46 -5.13 -18.55
CA LEU A 324 6.87 -6.18 -19.47
C LEU A 324 7.99 -5.67 -20.38
N GLY A 325 8.90 -6.57 -20.72
CA GLY A 325 10.07 -6.19 -21.49
C GLY A 325 10.35 -7.13 -22.65
N ARG A 326 11.27 -8.06 -22.45
CA ARG A 326 11.73 -8.94 -23.53
C ARG A 326 10.60 -9.63 -24.28
N PRO A 327 9.59 -10.22 -23.61
N PRO A 327 9.58 -10.21 -23.61
CA PRO A 327 8.53 -10.90 -24.40
CA PRO A 327 8.52 -10.89 -24.38
C PRO A 327 7.83 -10.01 -25.39
C PRO A 327 7.86 -10.00 -25.40
N VAL A 328 7.62 -8.73 -25.05
CA VAL A 328 6.98 -7.82 -25.99
C VAL A 328 7.90 -7.54 -27.17
N LEU A 329 9.20 -7.32 -26.91
N LEU A 329 9.20 -7.36 -26.91
CA LEU A 329 10.14 -7.09 -28.00
CA LEU A 329 10.15 -7.09 -27.98
C LEU A 329 10.23 -8.30 -28.92
C LEU A 329 10.30 -8.30 -28.90
N PHE A 330 10.23 -9.51 -28.34
CA PHE A 330 10.25 -10.69 -29.19
C PHE A 330 8.98 -10.77 -30.04
N GLY A 331 7.83 -10.40 -29.46
CA GLY A 331 6.61 -10.34 -30.24
C GLY A 331 6.70 -9.32 -31.35
N LEU A 332 7.30 -8.17 -31.08
CA LEU A 332 7.50 -7.16 -32.11
C LEU A 332 8.37 -7.69 -33.23
N ALA A 333 9.44 -8.41 -32.90
CA ALA A 333 10.29 -8.99 -33.93
C ALA A 333 9.50 -9.91 -34.83
N LEU A 334 8.61 -10.70 -34.24
CA LEU A 334 7.90 -11.74 -34.99
C LEU A 334 6.71 -11.21 -35.78
N GLY A 335 6.14 -10.06 -35.39
CA GLY A 335 4.93 -9.60 -36.04
C GLY A 335 4.65 -8.11 -35.97
N GLY A 336 5.67 -7.31 -35.67
CA GLY A 336 5.44 -5.88 -35.58
C GLY A 336 4.43 -5.56 -34.51
N TRP A 337 3.66 -4.49 -34.71
CA TRP A 337 2.74 -4.06 -33.66
C TRP A 337 1.71 -5.14 -33.36
N GLN A 338 1.30 -5.90 -34.38
CA GLN A 338 0.33 -6.96 -34.14
C GLN A 338 0.94 -8.10 -33.33
N GLY A 339 2.22 -8.40 -33.57
CA GLY A 339 2.89 -9.40 -32.76
C GLY A 339 3.08 -8.96 -31.32
N ALA A 340 3.45 -7.70 -31.12
CA ALA A 340 3.55 -7.17 -29.77
C ALA A 340 2.18 -7.16 -29.09
N TYR A 341 1.15 -6.77 -29.84
CA TYR A 341 -0.21 -6.82 -29.30
C TYR A 341 -0.58 -8.23 -28.86
N SER A 342 -0.20 -9.23 -29.67
CA SER A 342 -0.52 -10.62 -29.33
C SER A 342 0.08 -11.01 -27.98
N VAL A 343 1.28 -10.50 -27.67
CA VAL A 343 1.90 -10.79 -26.37
C VAL A 343 1.12 -10.14 -25.24
N LEU A 344 0.72 -8.87 -25.41
CA LEU A 344 -0.09 -8.21 -24.39
C LEU A 344 -1.41 -8.94 -24.18
N ASP A 345 -2.04 -9.34 -25.29
CA ASP A 345 -3.29 -10.09 -25.21
C ASP A 345 -3.09 -11.41 -24.48
N TYR A 346 -1.99 -12.10 -24.77
CA TYR A 346 -1.66 -13.33 -24.06
C TYR A 346 -1.61 -13.12 -22.56
N PHE A 347 -0.89 -12.08 -22.12
CA PHE A 347 -0.76 -11.84 -20.69
C PHE A 347 -2.11 -11.57 -20.05
N GLN A 348 -2.98 -10.83 -20.75
N GLN A 348 -2.99 -10.83 -20.73
CA GLN A 348 -4.29 -10.51 -20.22
CA GLN A 348 -4.31 -10.57 -20.17
C GLN A 348 -5.15 -11.76 -20.09
C GLN A 348 -5.10 -11.87 -20.03
N LYS A 349 -5.10 -12.64 -21.10
N LYS A 349 -5.14 -12.67 -21.10
CA LYS A 349 -5.88 -13.88 -21.04
CA LYS A 349 -5.89 -13.92 -21.04
C LYS A 349 -5.29 -14.84 -20.01
C LYS A 349 -5.29 -14.87 -20.03
N ASP A 350 -3.96 -14.91 -19.94
CA ASP A 350 -3.30 -15.78 -18.98
C ASP A 350 -3.64 -15.35 -17.56
N LEU A 351 -3.60 -14.04 -17.31
CA LEU A 351 -3.97 -13.52 -15.99
C LEU A 351 -5.42 -13.85 -15.66
N THR A 352 -6.31 -13.72 -16.64
CA THR A 352 -7.72 -14.04 -16.40
C THR A 352 -7.89 -15.48 -15.93
N ARG A 353 -7.18 -16.42 -16.55
N ARG A 353 -7.17 -16.41 -16.55
CA ARG A 353 -7.24 -17.81 -16.10
CA ARG A 353 -7.23 -17.81 -16.13
C ARG A 353 -6.78 -17.93 -14.66
C ARG A 353 -6.77 -17.95 -14.68
N VAL A 354 -5.65 -17.30 -14.34
CA VAL A 354 -5.12 -17.38 -12.99
C VAL A 354 -6.12 -16.80 -11.99
N MET A 355 -6.78 -15.71 -12.37
CA MET A 355 -7.82 -15.15 -11.51
C MET A 355 -8.92 -16.15 -11.24
N GLN A 356 -9.43 -16.79 -12.30
N GLN A 356 -9.40 -16.82 -12.29
CA GLN A 356 -10.49 -17.77 -12.12
CA GLN A 356 -10.47 -17.80 -12.12
C GLN A 356 -10.06 -18.84 -11.11
C GLN A 356 -10.03 -18.94 -11.21
N LEU A 357 -8.85 -19.38 -11.28
N LEU A 357 -8.77 -19.38 -11.34
CA LEU A 357 -8.44 -20.53 -10.50
CA LEU A 357 -8.29 -20.51 -10.56
C LEU A 357 -7.97 -20.18 -9.10
C LEU A 357 -8.02 -20.16 -9.11
N THR A 358 -7.61 -18.91 -8.84
CA THR A 358 -7.29 -18.46 -7.50
C THR A 358 -8.50 -17.87 -6.77
N GLY A 359 -9.67 -17.89 -7.40
CA GLY A 359 -10.87 -17.34 -6.79
C GLY A 359 -10.91 -15.84 -6.77
N SER A 360 -10.23 -15.18 -7.70
CA SER A 360 -10.09 -13.73 -7.70
C SER A 360 -10.98 -13.13 -8.78
N GLN A 361 -11.79 -12.13 -8.41
CA GLN A 361 -12.67 -11.47 -9.37
C GLN A 361 -12.05 -10.24 -10.00
N ASN A 362 -11.04 -9.64 -9.37
CA ASN A 362 -10.50 -8.38 -9.81
C ASN A 362 -9.04 -8.28 -9.35
N VAL A 363 -8.38 -7.21 -9.79
CA VAL A 363 -6.97 -7.03 -9.47
C VAL A 363 -6.74 -6.84 -7.99
N GLU A 364 -7.67 -6.20 -7.28
CA GLU A 364 -7.51 -6.06 -5.84
C GLU A 364 -7.49 -7.42 -5.15
N ASP A 365 -8.34 -8.35 -5.59
CA ASP A 365 -8.32 -9.68 -5.02
C ASP A 365 -6.95 -10.31 -5.15
N LEU A 366 -6.28 -10.10 -6.29
CA LEU A 366 -4.95 -10.67 -6.48
C LEU A 366 -3.97 -10.12 -5.47
N LYS A 367 -4.13 -8.85 -5.08
CA LYS A 367 -3.25 -8.27 -4.07
C LYS A 367 -3.39 -8.97 -2.73
N GLY A 368 -4.52 -9.61 -2.49
CA GLY A 368 -4.76 -10.30 -1.25
C GLY A 368 -4.44 -11.77 -1.22
N LEU A 369 -3.79 -12.32 -2.25
CA LEU A 369 -3.53 -13.76 -2.28
C LEU A 369 -2.49 -14.17 -1.25
N ASP A 370 -2.70 -15.37 -0.70
N ASP A 370 -2.76 -15.30 -0.60
CA ASP A 370 -1.76 -16.06 0.19
CA ASP A 370 -1.72 -16.01 0.14
C ASP A 370 -0.89 -16.97 -0.67
C ASP A 370 -0.86 -16.77 -0.86
N LEU A 371 0.42 -16.82 -0.60
CA LEU A 371 1.35 -17.60 -1.40
C LEU A 371 1.99 -18.70 -0.54
N PHE A 372 2.22 -19.84 -1.16
CA PHE A 372 2.88 -20.97 -0.53
C PHE A 372 4.40 -20.79 -0.63
N ASP A 373 5.08 -20.83 0.51
N ASP A 373 5.06 -20.86 0.52
CA ASP A 373 6.53 -20.67 0.52
CA ASP A 373 6.52 -20.73 0.56
C ASP A 373 7.18 -22.01 0.19
C ASP A 373 7.15 -22.06 0.16
N ASN A 374 7.99 -22.02 -0.87
CA ASN A 374 8.68 -23.22 -1.33
C ASN A 374 10.15 -23.09 -0.96
N PRO A 375 10.60 -23.69 0.16
CA PRO A 375 12.01 -23.56 0.54
C PRO A 375 12.95 -24.40 -0.29
N TYR A 376 12.42 -25.31 -1.10
N TYR A 376 12.44 -25.38 -1.04
CA TYR A 376 13.24 -26.17 -1.93
CA TYR A 376 13.29 -26.27 -1.81
C TYR A 376 13.70 -25.50 -3.21
C TYR A 376 13.84 -25.63 -3.06
N GLY A 377 13.09 -24.39 -3.59
N GLY A 377 13.17 -24.60 -3.58
CA GLY A 377 13.54 -23.75 -4.80
CA GLY A 377 13.64 -23.92 -4.77
C GLY A 377 13.14 -24.52 -6.06
C GLY A 377 13.19 -24.59 -6.04
N TYR A 378 13.94 -24.29 -7.11
CA TYR A 378 13.51 -24.67 -8.45
C TYR A 378 13.46 -26.18 -8.65
N GLU A 379 14.42 -26.91 -8.08
CA GLU A 379 14.46 -28.36 -8.29
C GLU A 379 13.48 -29.10 -7.39
N TYR A 380 12.92 -28.43 -6.40
CA TYR A 380 11.85 -28.99 -5.59
C TYR A 380 12.31 -30.24 -4.85
N TYR B 14 -26.04 7.85 40.29
CA TYR B 14 -24.68 7.70 39.79
C TYR B 14 -23.98 9.06 39.77
N ASN B 15 -22.96 9.21 40.63
N ASN B 15 -22.97 9.21 40.63
CA ASN B 15 -22.33 10.51 40.86
CA ASN B 15 -22.32 10.51 40.86
C ASN B 15 -21.06 10.60 40.02
C ASN B 15 -21.05 10.59 40.02
N ALA B 16 -21.24 10.86 38.73
CA ALA B 16 -20.09 11.00 37.84
C ALA B 16 -19.41 12.35 38.10
N PRO B 17 -18.09 12.43 37.87
CA PRO B 17 -17.41 13.73 37.89
C PRO B 17 -18.06 14.71 36.93
N SER B 18 -17.94 15.99 37.26
CA SER B 18 -18.46 17.06 36.42
C SER B 18 -17.48 18.20 36.19
N GLU B 19 -16.31 18.18 36.82
CA GLU B 19 -15.37 19.28 36.68
C GLU B 19 -14.77 19.30 35.28
N ILE B 20 -14.57 20.51 34.75
CA ILE B 20 -13.96 20.71 33.45
C ILE B 20 -12.66 21.47 33.64
N LYS B 21 -11.54 20.85 33.25
CA LYS B 21 -10.24 21.47 33.38
C LYS B 21 -9.23 20.74 32.52
N TYR B 22 -8.20 21.45 32.10
CA TYR B 22 -7.07 20.82 31.47
C TYR B 22 -6.24 20.10 32.52
N ILE B 23 -5.55 19.05 32.10
CA ILE B 23 -4.70 18.27 32.99
C ILE B 23 -3.33 18.12 32.36
N ASP B 24 -2.31 18.04 33.21
N ASP B 24 -2.31 17.98 33.20
CA ASP B 24 -0.94 17.82 32.76
CA ASP B 24 -0.93 17.83 32.75
C ASP B 24 -0.73 16.31 32.65
C ASP B 24 -0.61 16.35 32.64
N VAL B 25 -0.65 15.82 31.42
CA VAL B 25 -0.46 14.39 31.18
C VAL B 25 1.04 14.12 31.03
N VAL B 26 1.60 13.39 31.99
CA VAL B 26 2.98 12.91 31.88
C VAL B 26 3.03 11.59 31.14
N ASN B 27 2.07 10.71 31.41
CA ASN B 27 1.87 9.47 30.67
C ASN B 27 0.43 9.07 30.87
N THR B 28 -0.08 8.22 29.98
CA THR B 28 -1.50 7.87 30.08
C THR B 28 -1.75 6.75 31.07
N TYR B 29 -0.72 6.01 31.46
CA TYR B 29 -0.93 4.91 32.40
C TYR B 29 -1.41 5.44 33.74
N ASP B 30 -0.83 6.56 34.19
CA ASP B 30 -1.18 7.14 35.47
C ASP B 30 -2.62 7.64 35.50
N LEU B 31 -3.25 7.87 34.34
CA LEU B 31 -4.62 8.35 34.30
C LEU B 31 -5.59 7.33 34.84
N GLU B 32 -5.27 6.04 34.73
CA GLU B 32 -6.18 5.00 35.20
C GLU B 32 -6.38 5.10 36.71
N GLU B 33 -5.29 5.07 37.47
CA GLU B 33 -5.42 5.17 38.93
C GLU B 33 -6.02 6.52 39.32
N GLU B 34 -5.65 7.59 38.61
CA GLU B 34 -6.21 8.89 38.93
C GLU B 34 -7.72 8.90 38.74
N ALA B 35 -8.19 8.35 37.61
CA ALA B 35 -9.62 8.30 37.36
C ALA B 35 -10.34 7.42 38.37
N SER B 36 -9.68 6.37 38.87
CA SER B 36 -10.30 5.49 39.85
C SER B 36 -10.69 6.23 41.12
N LYS B 37 -10.08 7.38 41.39
CA LYS B 37 -10.38 8.13 42.60
C LYS B 37 -11.62 9.01 42.46
N VAL B 38 -12.07 9.28 41.24
CA VAL B 38 -13.19 10.19 41.02
C VAL B 38 -14.38 9.52 40.34
N VAL B 39 -14.23 8.35 39.75
CA VAL B 39 -15.33 7.66 39.05
C VAL B 39 -15.94 6.64 40.01
N PRO B 40 -17.26 6.55 40.11
CA PRO B 40 -17.86 5.51 40.95
C PRO B 40 -17.32 4.12 40.62
N HIS B 41 -17.22 3.29 41.66
CA HIS B 41 -16.50 2.02 41.56
C HIS B 41 -17.02 1.15 40.42
N GLY B 42 -18.32 0.92 40.36
CA GLY B 42 -18.85 0.04 39.33
C GLY B 42 -18.54 0.53 37.93
N GLY B 43 -18.80 1.81 37.67
CA GLY B 43 -18.56 2.35 36.35
C GLY B 43 -17.09 2.41 36.00
N PHE B 44 -16.24 2.73 36.98
CA PHE B 44 -14.81 2.72 36.71
C PHE B 44 -14.34 1.34 36.30
N ASN B 45 -14.78 0.31 37.00
CA ASN B 45 -14.31 -1.01 36.66
C ASN B 45 -14.92 -1.53 35.37
N TYR B 46 -16.10 -1.03 34.99
CA TYR B 46 -16.62 -1.30 33.65
C TYR B 46 -15.68 -0.76 32.58
N ILE B 47 -15.17 0.46 32.77
CA ILE B 47 -14.29 1.08 31.80
C ILE B 47 -12.93 0.38 31.78
N ALA B 48 -12.38 0.14 32.97
CA ALA B 48 -10.99 -0.30 33.07
C ALA B 48 -10.81 -1.79 32.88
N GLY B 49 -11.82 -2.59 33.22
CA GLY B 49 -11.66 -4.04 33.25
C GLY B 49 -11.69 -4.70 31.89
N ALA B 50 -11.41 -6.01 31.90
CA ALA B 50 -11.30 -6.79 30.68
C ALA B 50 -11.67 -8.24 31.00
N SER B 51 -11.61 -9.09 29.99
CA SER B 51 -12.11 -10.45 30.16
C SER B 51 -11.16 -11.30 30.99
N GLY B 52 -11.74 -12.29 31.65
CA GLY B 52 -10.95 -13.24 32.42
C GLY B 52 -10.17 -12.56 33.52
N ASP B 53 -8.91 -12.97 33.68
CA ASP B 53 -8.00 -12.33 34.61
C ASP B 53 -7.21 -11.20 33.94
N GLU B 54 -7.65 -10.76 32.77
CA GLU B 54 -7.11 -9.62 32.05
C GLU B 54 -5.76 -9.91 31.40
N TRP B 55 -5.39 -11.18 31.28
CA TRP B 55 -4.12 -11.53 30.64
C TRP B 55 -4.04 -10.96 29.22
N THR B 56 -5.14 -10.97 28.47
CA THR B 56 -5.09 -10.44 27.11
C THR B 56 -5.04 -8.91 27.09
N LYS B 57 -5.61 -8.23 28.09
CA LYS B 57 -5.37 -6.80 28.21
C LYS B 57 -3.90 -6.50 28.45
N ARG B 58 -3.27 -7.29 29.32
CA ARG B 58 -1.84 -7.14 29.53
C ARG B 58 -1.06 -7.48 28.26
N ALA B 59 -1.53 -8.47 27.50
CA ALA B 59 -0.89 -8.81 26.24
C ALA B 59 -0.96 -7.65 25.25
N ASN B 60 -2.10 -6.95 25.22
CA ASN B 60 -2.21 -5.76 24.36
C ASN B 60 -1.13 -4.76 24.70
N ASP B 61 -0.83 -4.60 25.98
CA ASP B 61 0.18 -3.63 26.41
C ASP B 61 1.59 -4.15 26.17
N ARG B 62 1.86 -5.41 26.51
CA ARG B 62 3.20 -5.93 26.37
C ARG B 62 3.59 -6.18 24.93
N ALA B 63 2.62 -6.32 24.03
CA ALA B 63 2.95 -6.54 22.63
C ALA B 63 3.83 -5.44 22.07
N TRP B 64 3.71 -4.21 22.58
CA TRP B 64 4.50 -3.11 22.06
C TRP B 64 6.00 -3.32 22.28
N LYS B 65 6.37 -4.17 23.24
CA LYS B 65 7.79 -4.46 23.45
C LYS B 65 8.33 -5.53 22.51
N HIS B 66 7.49 -6.11 21.65
CA HIS B 66 7.94 -7.15 20.73
C HIS B 66 8.64 -6.56 19.52
N LYS B 67 8.33 -5.32 19.19
N LYS B 67 8.35 -5.30 19.19
CA LYS B 67 8.91 -4.61 18.06
CA LYS B 67 8.92 -4.61 18.05
C LYS B 67 9.37 -3.27 18.61
C LYS B 67 9.36 -3.25 18.55
N LEU B 68 10.66 -2.97 18.48
CA LEU B 68 11.24 -1.82 19.14
C LEU B 68 11.72 -0.80 18.11
N LEU B 69 11.63 0.47 18.48
CA LEU B 69 12.02 1.54 17.57
C LEU B 69 13.52 1.78 17.62
N TYR B 70 14.08 2.16 16.47
CA TYR B 70 15.47 2.61 16.40
C TYR B 70 15.53 4.13 16.38
N PRO B 71 16.37 4.77 17.20
CA PRO B 71 16.72 6.16 16.92
C PRO B 71 17.54 6.20 15.65
N ARG B 72 17.29 7.19 14.80
CA ARG B 72 17.98 7.26 13.52
C ARG B 72 18.15 8.68 13.04
N LEU B 73 19.13 8.85 12.15
CA LEU B 73 19.45 10.13 11.54
C LEU B 73 18.29 10.61 10.68
N ALA B 74 18.13 11.93 10.64
CA ALA B 74 17.15 12.56 9.78
C ALA B 74 17.68 12.66 8.35
N GLN B 75 16.75 12.71 7.40
CA GLN B 75 17.07 12.92 5.99
C GLN B 75 16.35 14.15 5.44
N ASP B 76 15.71 14.93 6.31
CA ASP B 76 14.93 16.10 5.94
C ASP B 76 15.07 17.09 7.10
N VAL B 77 15.22 18.38 6.79
CA VAL B 77 15.52 19.37 7.81
C VAL B 77 14.27 19.94 8.49
N GLU B 78 13.09 19.71 7.93
CA GLU B 78 11.90 20.39 8.42
C GLU B 78 11.42 19.78 9.74
N ALA B 79 10.71 20.59 10.53
CA ALA B 79 10.16 20.10 11.78
C ALA B 79 9.09 19.06 11.52
N PRO B 80 8.84 18.15 12.47
CA PRO B 80 7.85 17.11 12.25
C PRO B 80 6.45 17.67 12.06
N ASP B 81 5.67 16.99 11.24
CA ASP B 81 4.29 17.33 10.95
C ASP B 81 3.48 16.06 11.15
N THR B 82 2.54 16.08 12.10
CA THR B 82 1.75 14.89 12.40
C THR B 82 0.48 14.77 11.56
N SER B 83 0.24 15.68 10.63
N SER B 83 0.27 15.68 10.61
CA SER B 83 -1.03 15.66 9.93
CA SER B 83 -0.95 15.70 9.82
C SER B 83 -1.12 14.48 8.98
C SER B 83 -1.10 14.41 9.02
N THR B 84 -2.35 14.01 8.78
CA THR B 84 -2.62 12.94 7.83
C THR B 84 -4.04 13.11 7.30
N GLU B 85 -4.46 12.16 6.49
CA GLU B 85 -5.79 12.19 5.90
C GLU B 85 -6.29 10.77 5.83
N ILE B 86 -7.57 10.57 6.15
CA ILE B 86 -8.21 9.27 6.00
C ILE B 86 -9.61 9.46 5.44
N LEU B 87 -9.91 8.72 4.36
CA LEU B 87 -11.22 8.79 3.71
C LEU B 87 -11.64 10.23 3.47
N GLY B 88 -10.70 11.05 3.00
CA GLY B 88 -10.95 12.43 2.65
C GLY B 88 -10.93 13.41 3.79
N HIS B 89 -10.81 12.95 5.04
CA HIS B 89 -10.79 13.84 6.19
C HIS B 89 -9.34 14.18 6.54
N LYS B 90 -9.00 15.46 6.48
CA LYS B 90 -7.69 15.93 6.94
C LYS B 90 -7.74 16.06 8.45
N ILE B 91 -6.83 15.36 9.15
CA ILE B 91 -6.83 15.33 10.61
C ILE B 91 -5.46 15.74 11.13
N LYS B 92 -5.45 16.20 12.39
CA LYS B 92 -4.26 16.81 12.96
C LYS B 92 -3.15 15.81 13.25
N ALA B 93 -3.50 14.56 13.51
CA ALA B 93 -2.56 13.52 13.91
C ALA B 93 -3.18 12.20 13.52
N PRO B 94 -2.38 11.13 13.39
CA PRO B 94 -2.88 9.86 12.87
C PRO B 94 -3.59 9.01 13.93
N PHE B 95 -4.53 9.61 14.63
CA PHE B 95 -5.36 8.89 15.57
C PHE B 95 -6.74 9.50 15.58
N ILE B 96 -7.72 8.65 15.85
CA ILE B 96 -9.13 9.01 15.92
C ILE B 96 -9.67 8.50 17.25
N MET B 97 -10.90 8.91 17.57
CA MET B 97 -11.57 8.41 18.77
C MET B 97 -12.28 7.09 18.49
N ALA B 98 -12.01 6.08 19.32
CA ALA B 98 -12.70 4.81 19.17
C ALA B 98 -14.14 4.92 19.65
N PRO B 99 -15.04 4.10 19.09
CA PRO B 99 -16.43 4.08 19.60
C PRO B 99 -16.46 3.38 20.95
N ILE B 100 -16.96 4.09 21.96
CA ILE B 100 -17.04 3.58 23.32
C ILE B 100 -18.42 3.93 23.87
N ALA B 101 -19.08 2.95 24.47
CA ALA B 101 -20.41 3.16 25.03
C ALA B 101 -20.34 4.00 26.30
N ALA B 102 -21.44 4.70 26.60
CA ALA B 102 -21.76 5.13 27.96
C ALA B 102 -20.68 6.04 28.57
N HIS B 103 -20.33 7.11 27.87
CA HIS B 103 -19.33 8.03 28.41
C HIS B 103 -19.80 8.68 29.71
N GLY B 104 -21.11 8.71 29.96
CA GLY B 104 -21.62 9.24 31.22
C GLY B 104 -21.14 8.48 32.44
N LEU B 105 -20.61 7.28 32.26
CA LEU B 105 -19.97 6.61 33.40
C LEU B 105 -18.74 7.36 33.85
N ALA B 106 -18.10 8.09 32.94
CA ALA B 106 -16.87 8.83 33.26
C ALA B 106 -17.11 10.27 33.64
N HIS B 107 -18.08 10.95 33.02
CA HIS B 107 -18.29 12.37 33.23
C HIS B 107 -19.71 12.76 32.86
N THR B 108 -20.26 13.72 33.61
CA THR B 108 -21.65 14.15 33.38
C THR B 108 -21.85 14.71 31.97
N THR B 109 -20.81 15.25 31.34
CA THR B 109 -20.97 15.79 29.99
C THR B 109 -20.94 14.69 28.93
N LYS B 110 -20.58 13.47 29.34
CA LYS B 110 -20.70 12.26 28.55
C LYS B 110 -20.17 12.43 27.13
N GLU B 111 -20.87 11.89 26.13
CA GLU B 111 -20.33 11.86 24.78
C GLU B 111 -20.19 13.25 24.18
N ALA B 112 -20.99 14.22 24.66
CA ALA B 112 -20.84 15.59 24.19
C ALA B 112 -19.48 16.15 24.61
N GLY B 113 -19.01 15.78 25.80
CA GLY B 113 -17.69 16.22 26.23
C GLY B 113 -16.59 15.61 25.38
N THR B 114 -16.67 14.31 25.13
CA THR B 114 -15.65 13.68 24.29
C THR B 114 -15.66 14.29 22.90
N ALA B 115 -16.86 14.51 22.34
CA ALA B 115 -16.98 15.08 21.00
C ALA B 115 -16.35 16.47 20.93
N ARG B 116 -16.59 17.29 21.96
CA ARG B 116 -15.98 18.61 21.98
C ARG B 116 -14.46 18.52 21.98
N ALA B 117 -13.90 17.62 22.77
CA ALA B 117 -12.45 17.45 22.77
C ALA B 117 -11.94 17.04 21.40
N VAL B 118 -12.61 16.06 20.78
CA VAL B 118 -12.17 15.53 19.49
C VAL B 118 -12.24 16.60 18.41
N SER B 119 -13.33 17.37 18.38
N SER B 119 -13.33 17.37 18.39
CA SER B 119 -13.48 18.40 17.36
CA SER B 119 -13.48 18.41 17.37
C SER B 119 -12.59 19.61 17.63
C SER B 119 -12.53 19.57 17.63
N GLU B 120 -12.37 19.97 18.90
CA GLU B 120 -11.45 21.05 19.21
C GLU B 120 -10.01 20.67 18.89
N PHE B 121 -9.66 19.39 19.04
CA PHE B 121 -8.32 18.93 18.69
C PHE B 121 -8.15 18.85 17.17
N GLY B 122 -9.13 18.26 16.49
CA GLY B 122 -9.09 18.16 15.05
C GLY B 122 -8.94 16.74 14.53
N THR B 123 -9.76 15.81 15.01
CA THR B 123 -9.79 14.48 14.43
C THR B 123 -11.24 14.01 14.35
N ILE B 124 -11.42 12.70 14.13
CA ILE B 124 -12.71 12.10 13.85
C ILE B 124 -13.28 11.47 15.12
N MET B 125 -14.55 11.73 15.37
CA MET B 125 -15.29 11.14 16.47
C MET B 125 -16.01 9.90 15.98
N SER B 126 -15.89 8.80 16.72
CA SER B 126 -16.69 7.60 16.47
C SER B 126 -17.78 7.52 17.52
N ILE B 127 -19.02 7.36 17.08
CA ILE B 127 -20.20 7.37 17.93
C ILE B 127 -20.67 5.93 18.11
N SER B 128 -20.66 5.46 19.35
CA SER B 128 -21.15 4.13 19.68
C SER B 128 -22.66 4.06 19.54
N ALA B 129 -23.15 2.89 19.13
CA ALA B 129 -24.59 2.66 19.14
C ALA B 129 -25.16 2.79 20.55
N TYR B 130 -24.35 2.50 21.56
CA TYR B 130 -24.78 2.53 22.96
C TYR B 130 -24.37 3.83 23.64
N SER B 131 -24.42 4.93 22.90
N SER B 131 -24.44 4.94 22.91
CA SER B 131 -24.19 6.24 23.50
CA SER B 131 -24.16 6.24 23.52
C SER B 131 -25.29 6.56 24.50
C SER B 131 -25.29 6.64 24.46
N GLY B 132 -24.91 7.18 25.62
CA GLY B 132 -25.88 7.70 26.56
C GLY B 132 -26.41 9.07 26.20
N ALA B 133 -25.76 9.73 25.23
CA ALA B 133 -26.20 11.02 24.73
C ALA B 133 -26.96 10.84 23.43
N THR B 134 -27.89 11.75 23.18
CA THR B 134 -28.58 11.77 21.90
C THR B 134 -27.64 12.33 20.83
N PHE B 135 -28.00 12.10 19.57
N PHE B 135 -28.01 12.08 19.57
CA PHE B 135 -27.18 12.68 18.50
CA PHE B 135 -27.24 12.65 18.46
C PHE B 135 -27.15 14.19 18.59
C PHE B 135 -27.17 14.18 18.57
N GLU B 136 -28.28 14.82 18.93
CA GLU B 136 -28.30 16.27 19.04
C GLU B 136 -27.30 16.74 20.09
N GLU B 137 -27.23 16.06 21.22
CA GLU B 137 -26.25 16.41 22.25
C GLU B 137 -24.83 16.25 21.73
N ILE B 138 -24.55 15.14 21.05
CA ILE B 138 -23.22 14.94 20.49
C ILE B 138 -22.93 15.96 19.40
N SER B 139 -23.92 16.23 18.54
CA SER B 139 -23.73 17.19 17.45
C SER B 139 -23.35 18.57 17.99
N GLU B 140 -23.93 18.98 19.11
CA GLU B 140 -23.57 20.28 19.68
C GLU B 140 -22.09 20.30 20.07
N GLY B 141 -21.59 19.20 20.62
CA GLY B 141 -20.17 19.13 20.96
C GLY B 141 -19.27 19.07 19.74
N LEU B 142 -19.73 18.44 18.66
CA LEU B 142 -18.89 18.30 17.47
C LEU B 142 -18.76 19.60 16.69
N ASN B 143 -19.78 20.46 16.75
CA ASN B 143 -19.76 21.74 16.05
C ASN B 143 -19.31 21.58 14.60
N GLY B 144 -19.89 20.59 13.93
CA GLY B 144 -19.63 20.34 12.53
C GLY B 144 -18.48 19.39 12.22
N GLY B 145 -17.76 18.93 13.24
CA GLY B 145 -16.62 18.04 13.02
C GLY B 145 -17.04 16.69 12.49
N PRO B 146 -16.10 15.98 11.86
CA PRO B 146 -16.43 14.70 11.24
C PRO B 146 -16.75 13.62 12.27
N ARG B 147 -17.68 12.74 11.89
CA ARG B 147 -18.10 11.67 12.77
C ARG B 147 -18.42 10.41 11.96
N TRP B 148 -18.08 9.28 12.55
CA TRP B 148 -18.41 7.95 12.04
C TRP B 148 -19.33 7.29 13.05
N PHE B 149 -20.27 6.49 12.56
N PHE B 149 -20.28 6.48 12.57
CA PHE B 149 -21.27 5.84 13.39
CA PHE B 149 -21.25 5.85 13.43
C PHE B 149 -20.97 4.35 13.50
C PHE B 149 -21.00 4.36 13.50
N GLN B 150 -20.93 3.84 14.72
CA GLN B 150 -20.65 2.43 14.97
C GLN B 150 -21.95 1.70 15.29
N ILE B 151 -22.16 0.58 14.60
CA ILE B 151 -23.35 -0.23 14.78
C ILE B 151 -22.92 -1.68 15.04
N TYR B 152 -23.85 -2.41 15.65
CA TYR B 152 -23.81 -3.86 15.64
C TYR B 152 -25.02 -4.23 14.81
N MET B 153 -24.87 -5.22 13.94
CA MET B 153 -25.95 -5.49 13.02
C MET B 153 -27.15 -6.08 13.74
N ALA B 154 -28.33 -5.54 13.44
CA ALA B 154 -29.57 -6.03 14.00
C ALA B 154 -30.05 -7.24 13.22
N LYS B 155 -30.84 -8.09 13.88
CA LYS B 155 -31.46 -9.21 13.19
C LYS B 155 -32.56 -8.76 12.24
N ASP B 156 -33.13 -7.57 12.46
CA ASP B 156 -34.19 -7.03 11.61
C ASP B 156 -33.55 -6.19 10.51
N ASP B 157 -33.67 -6.64 9.26
CA ASP B 157 -33.12 -5.88 8.14
C ASP B 157 -33.65 -4.45 8.11
N GLN B 158 -34.90 -4.25 8.55
CA GLN B 158 -35.47 -2.90 8.55
C GLN B 158 -34.71 -1.99 9.52
N GLN B 159 -34.40 -2.48 10.72
CA GLN B 159 -33.64 -1.67 11.67
C GLN B 159 -32.28 -1.28 11.10
N ASN B 160 -31.65 -2.19 10.36
CA ASN B 160 -30.36 -1.87 9.74
C ASN B 160 -30.51 -0.76 8.72
N ARG B 161 -31.54 -0.83 7.88
CA ARG B 161 -31.76 0.24 6.92
C ARG B 161 -32.11 1.56 7.61
N ASP B 162 -32.80 1.49 8.75
N ASP B 162 -32.80 1.49 8.75
CA ASP B 162 -33.23 2.70 9.43
CA ASP B 162 -33.23 2.70 9.43
C ASP B 162 -32.10 3.37 10.19
C ASP B 162 -32.10 3.37 10.19
N ILE B 163 -31.18 2.59 10.76
CA ILE B 163 -30.04 3.18 11.45
C ILE B 163 -29.03 3.71 10.45
N LEU B 164 -28.89 3.05 9.30
CA LEU B 164 -27.99 3.55 8.27
C LEU B 164 -28.49 4.87 7.69
N ASP B 165 -29.80 5.01 7.55
CA ASP B 165 -30.36 6.27 7.05
C ASP B 165 -30.22 7.39 8.09
N GLU B 166 -30.46 7.08 9.35
CA GLU B 166 -30.36 8.11 10.39
C GLU B 166 -28.92 8.56 10.60
N ALA B 167 -27.98 7.62 10.55
CA ALA B 167 -26.57 8.00 10.65
C ALA B 167 -26.18 8.95 9.52
N LYS B 168 -26.63 8.65 8.30
CA LYS B 168 -26.31 9.50 7.15
C LYS B 168 -26.90 10.89 7.32
N SER B 169 -28.14 10.99 7.80
CA SER B 169 -28.75 12.30 7.99
C SER B 169 -28.06 13.07 9.12
N ASP B 170 -27.45 12.35 10.06
CA ASP B 170 -26.72 12.95 11.16
C ASP B 170 -25.31 13.38 10.77
N GLY B 171 -24.94 13.23 9.50
CA GLY B 171 -23.65 13.67 9.03
C GLY B 171 -22.57 12.61 9.04
N ALA B 172 -22.89 11.36 9.38
CA ALA B 172 -21.87 10.33 9.41
C ALA B 172 -21.27 10.17 8.02
N THR B 173 -19.95 10.01 7.96
CA THR B 173 -19.24 9.79 6.71
C THR B 173 -18.61 8.41 6.63
N ALA B 174 -18.81 7.56 7.63
CA ALA B 174 -18.46 6.15 7.54
C ALA B 174 -19.28 5.42 8.59
N ILE B 175 -19.45 4.12 8.36
CA ILE B 175 -20.11 3.21 9.29
C ILE B 175 -19.03 2.26 9.82
N ILE B 176 -19.07 1.99 11.12
CA ILE B 176 -18.19 1.03 11.77
C ILE B 176 -19.06 -0.15 12.18
N LEU B 177 -18.88 -1.28 11.53
CA LEU B 177 -19.63 -2.49 11.86
C LEU B 177 -18.77 -3.31 12.81
N THR B 178 -19.15 -3.32 14.08
CA THR B 178 -18.39 -4.06 15.08
C THR B 178 -18.87 -5.51 15.07
N ALA B 179 -17.96 -6.43 14.78
CA ALA B 179 -18.32 -7.82 14.55
C ALA B 179 -17.93 -8.74 15.70
N ASP B 180 -17.26 -8.24 16.72
CA ASP B 180 -16.62 -9.09 17.72
C ASP B 180 -17.41 -9.17 19.01
N SER B 181 -18.69 -8.78 18.99
CA SER B 181 -19.49 -8.65 20.21
C SER B 181 -20.83 -9.37 20.08
N THR B 182 -20.85 -10.52 19.40
CA THR B 182 -22.06 -11.33 19.34
C THR B 182 -22.63 -11.56 20.74
N VAL B 183 -21.74 -11.86 21.70
CA VAL B 183 -22.06 -11.88 23.11
C VAL B 183 -20.93 -11.14 23.81
N SER B 184 -21.16 -10.80 25.07
CA SER B 184 -20.14 -10.10 25.85
C SER B 184 -18.99 -11.04 26.20
N GLY B 185 -17.82 -10.43 26.37
CA GLY B 185 -16.71 -11.15 26.98
C GLY B 185 -17.02 -11.51 28.42
N ASN B 186 -16.21 -12.42 28.96
CA ASN B 186 -16.30 -12.84 30.36
C ASN B 186 -15.59 -11.82 31.23
N ARG B 187 -16.29 -10.71 31.51
CA ARG B 187 -15.72 -9.55 32.20
C ARG B 187 -15.91 -9.72 33.71
N ASP B 188 -14.92 -10.32 34.36
CA ASP B 188 -15.07 -10.73 35.75
C ASP B 188 -15.38 -9.55 36.67
N ARG B 189 -14.75 -8.39 36.42
CA ARG B 189 -15.00 -7.25 37.31
C ARG B 189 -16.49 -6.89 37.32
N ASP B 190 -17.11 -6.86 36.14
CA ASP B 190 -18.51 -6.47 36.05
C ASP B 190 -19.42 -7.50 36.70
N VAL B 191 -19.10 -8.78 36.53
CA VAL B 191 -19.87 -9.83 37.20
C VAL B 191 -19.76 -9.71 38.70
N LYS B 192 -18.52 -9.58 39.20
CA LYS B 192 -18.31 -9.50 40.64
C LYS B 192 -18.92 -8.23 41.23
N ASN B 193 -18.91 -7.14 40.48
CA ASN B 193 -19.52 -5.89 40.94
C ASN B 193 -21.02 -5.84 40.69
N LYS B 194 -21.59 -6.83 40.01
CA LYS B 194 -22.99 -6.82 39.62
C LYS B 194 -23.35 -5.48 38.96
N PHE B 195 -22.55 -5.10 37.97
CA PHE B 195 -22.68 -3.78 37.37
C PHE B 195 -23.89 -3.72 36.45
N VAL B 196 -24.57 -2.57 36.48
CA VAL B 196 -25.66 -2.26 35.57
C VAL B 196 -25.54 -0.80 35.15
N TYR B 197 -25.90 -0.51 33.90
CA TYR B 197 -25.89 0.87 33.43
C TYR B 197 -26.83 1.70 34.29
N PRO B 198 -26.41 2.87 34.77
CA PRO B 198 -27.30 3.72 35.57
C PRO B 198 -28.11 4.72 34.75
N PHE B 199 -28.06 4.63 33.43
CA PHE B 199 -28.80 5.54 32.56
C PHE B 199 -29.09 4.80 31.25
N GLY B 200 -30.06 5.33 30.49
CA GLY B 200 -30.47 4.70 29.26
C GLY B 200 -29.62 5.09 28.06
N MET B 201 -29.86 4.39 26.95
N MET B 201 -29.83 4.37 26.96
CA MET B 201 -29.17 4.61 25.69
CA MET B 201 -29.16 4.64 25.70
C MET B 201 -30.18 5.15 24.69
C MET B 201 -30.19 5.16 24.71
N PRO B 202 -30.26 6.47 24.47
CA PRO B 202 -31.33 7.00 23.59
C PRO B 202 -31.31 6.47 22.16
N ILE B 203 -30.13 6.25 21.59
CA ILE B 203 -30.08 5.72 20.22
C ILE B 203 -30.64 4.31 20.17
N VAL B 204 -30.27 3.47 21.14
CA VAL B 204 -30.80 2.12 21.21
C VAL B 204 -32.31 2.15 21.45
N GLN B 205 -32.73 2.95 22.42
CA GLN B 205 -34.16 3.11 22.71
C GLN B 205 -34.87 3.76 21.53
N GLN B 226 -26.34 -9.93 16.73
CA GLN B 226 -26.32 -10.74 15.53
C GLN B 226 -24.95 -11.34 15.29
N LYS B 227 -24.91 -12.59 14.86
CA LYS B 227 -23.66 -13.23 14.45
C LYS B 227 -23.27 -12.71 13.08
N ILE B 228 -22.12 -12.04 12.99
CA ILE B 228 -21.72 -11.35 11.77
C ILE B 228 -20.94 -12.29 10.87
N SER B 229 -21.45 -12.49 9.66
CA SER B 229 -20.85 -13.33 8.66
C SER B 229 -20.47 -12.46 7.46
N PRO B 230 -19.71 -12.99 6.51
CA PRO B 230 -19.45 -12.23 5.28
C PRO B 230 -20.71 -11.75 4.57
N ARG B 231 -21.77 -12.56 4.58
CA ARG B 231 -23.01 -12.13 3.93
C ARG B 231 -23.58 -10.89 4.61
N ASP B 232 -23.45 -10.81 5.94
CA ASP B 232 -23.93 -9.62 6.65
C ASP B 232 -23.13 -8.39 6.25
N ILE B 233 -21.81 -8.54 6.15
CA ILE B 233 -20.98 -7.42 5.70
C ILE B 233 -21.42 -6.95 4.31
N GLU B 234 -21.69 -7.90 3.42
N GLU B 234 -21.70 -7.90 3.41
CA GLU B 234 -22.15 -7.55 2.08
CA GLU B 234 -22.14 -7.52 2.08
C GLU B 234 -23.44 -6.76 2.14
C GLU B 234 -23.46 -6.75 2.13
N GLU B 235 -24.38 -7.16 3.00
CA GLU B 235 -25.65 -6.47 3.11
C GLU B 235 -25.46 -5.02 3.55
N ILE B 236 -24.65 -4.80 4.59
CA ILE B 236 -24.45 -3.43 5.09
C ILE B 236 -23.68 -2.60 4.07
N ALA B 237 -22.66 -3.18 3.44
CA ALA B 237 -21.90 -2.42 2.45
C ALA B 237 -22.76 -2.04 1.26
N ALA B 238 -23.70 -2.91 0.87
CA ALA B 238 -24.51 -2.64 -0.31
C ALA B 238 -25.59 -1.60 -0.06
N HIS B 239 -26.06 -1.46 1.18
CA HIS B 239 -27.22 -0.63 1.48
C HIS B 239 -26.92 0.58 2.35
N SER B 240 -25.66 0.81 2.71
N SER B 240 -25.65 0.80 2.70
CA SER B 240 -25.33 1.90 3.63
CA SER B 240 -25.30 1.88 3.62
C SER B 240 -25.16 3.24 2.93
C SER B 240 -25.13 3.23 2.94
N GLY B 241 -24.66 3.26 1.70
CA GLY B 241 -24.33 4.51 1.06
C GLY B 241 -23.12 5.20 1.62
N LEU B 242 -22.35 4.51 2.46
CA LEU B 242 -21.16 5.03 3.12
C LEU B 242 -20.10 3.93 3.17
N PRO B 243 -18.83 4.29 3.24
CA PRO B 243 -17.81 3.26 3.46
C PRO B 243 -18.02 2.59 4.80
N VAL B 244 -17.85 1.26 4.82
CA VAL B 244 -18.05 0.45 6.01
C VAL B 244 -16.72 -0.12 6.45
N PHE B 245 -16.32 0.16 7.69
CA PHE B 245 -15.22 -0.53 8.34
C PHE B 245 -15.79 -1.74 9.07
N VAL B 246 -15.08 -2.85 9.00
CA VAL B 246 -15.38 -4.01 9.83
C VAL B 246 -14.40 -4.02 10.98
N LYS B 247 -14.93 -3.93 12.21
CA LYS B 247 -14.13 -3.75 13.41
C LYS B 247 -14.12 -5.02 14.26
N GLY B 248 -12.95 -5.35 14.79
CA GLY B 248 -12.75 -6.54 15.58
C GLY B 248 -11.94 -7.61 14.89
N ILE B 249 -11.39 -7.30 13.73
CA ILE B 249 -10.61 -8.26 12.96
C ILE B 249 -9.28 -8.51 13.65
N GLN B 250 -8.93 -9.79 13.78
CA GLN B 250 -7.64 -10.22 14.30
C GLN B 250 -6.99 -11.29 13.43
N HIS B 251 -7.69 -11.85 12.45
CA HIS B 251 -7.18 -12.91 11.61
C HIS B 251 -7.14 -12.45 10.16
N PRO B 252 -6.07 -12.74 9.42
N PRO B 252 -6.03 -12.66 9.43
CA PRO B 252 -5.96 -12.20 8.05
CA PRO B 252 -5.96 -12.11 8.07
C PRO B 252 -7.00 -12.74 7.07
C PRO B 252 -7.02 -12.64 7.13
N GLU B 253 -7.46 -13.97 7.23
N GLU B 253 -7.39 -13.91 7.26
CA GLU B 253 -8.46 -14.47 6.30
CA GLU B 253 -8.41 -14.46 6.37
C GLU B 253 -9.81 -13.78 6.49
C GLU B 253 -9.71 -13.68 6.49
N ASP B 254 -10.12 -13.36 7.71
CA ASP B 254 -11.32 -12.56 7.92
C ASP B 254 -11.20 -11.20 7.23
N ALA B 255 -10.00 -10.62 7.25
CA ALA B 255 -9.79 -9.35 6.55
C ALA B 255 -10.03 -9.51 5.05
N ASP B 256 -9.50 -10.57 4.46
CA ASP B 256 -9.71 -10.78 3.03
C ASP B 256 -11.18 -11.01 2.73
N MET B 257 -11.85 -11.84 3.53
CA MET B 257 -13.26 -12.10 3.31
C MET B 257 -14.08 -10.83 3.45
N ALA B 258 -13.75 -9.99 4.44
CA ALA B 258 -14.49 -8.75 4.64
C ALA B 258 -14.36 -7.81 3.46
N ILE B 259 -13.13 -7.67 2.93
CA ILE B 259 -12.92 -6.82 1.77
C ILE B 259 -13.69 -7.36 0.57
N LYS B 260 -13.64 -8.68 0.36
CA LYS B 260 -14.35 -9.27 -0.77
C LYS B 260 -15.85 -9.10 -0.65
N ALA B 261 -16.35 -9.01 0.59
CA ALA B 261 -17.76 -8.77 0.83
C ALA B 261 -18.16 -7.30 0.69
N GLY B 262 -17.19 -6.40 0.50
CA GLY B 262 -17.49 -5.00 0.26
C GLY B 262 -17.05 -4.03 1.34
N ALA B 263 -16.35 -4.47 2.38
CA ALA B 263 -15.84 -3.53 3.36
C ALA B 263 -14.91 -2.51 2.69
N SER B 264 -14.99 -1.26 3.14
CA SER B 264 -14.13 -0.19 2.67
C SER B 264 -13.01 0.11 3.64
N GLY B 265 -12.88 -0.66 4.71
CA GLY B 265 -11.85 -0.47 5.69
C GLY B 265 -11.82 -1.65 6.63
N ILE B 266 -10.65 -1.91 7.20
CA ILE B 266 -10.46 -2.97 8.19
C ILE B 266 -10.02 -2.31 9.49
N TRP B 267 -10.71 -2.62 10.56
CA TRP B 267 -10.43 -2.02 11.86
C TRP B 267 -9.97 -3.15 12.77
N VAL B 268 -8.64 -3.27 12.87
CA VAL B 268 -7.98 -4.29 13.66
C VAL B 268 -8.16 -3.96 15.13
N SER B 269 -8.71 -4.88 15.90
CA SER B 269 -9.12 -4.60 17.26
C SER B 269 -9.47 -5.89 17.96
N ASN B 270 -9.21 -5.93 19.27
CA ASN B 270 -9.83 -6.94 20.11
C ASN B 270 -10.72 -6.29 21.17
N HIS B 271 -11.24 -5.10 20.88
CA HIS B 271 -12.22 -4.49 21.74
C HIS B 271 -11.60 -4.14 23.09
N GLY B 272 -10.32 -3.77 23.11
CA GLY B 272 -9.68 -3.47 24.36
C GLY B 272 -9.61 -4.65 25.31
N ALA B 273 -9.57 -5.87 24.77
CA ALA B 273 -9.52 -7.11 25.54
C ALA B 273 -10.81 -7.37 26.32
N ARG B 274 -11.91 -6.72 25.94
N ARG B 274 -11.91 -6.71 25.96
CA ARG B 274 -13.19 -6.87 26.64
CA ARG B 274 -13.17 -6.88 26.65
C ARG B 274 -14.02 -8.01 26.07
C ARG B 274 -14.06 -7.95 26.03
N GLN B 275 -13.55 -8.67 25.02
CA GLN B 275 -14.29 -9.74 24.38
C GLN B 275 -13.56 -11.07 24.55
N LEU B 276 -13.03 -11.66 23.49
CA LEU B 276 -12.45 -13.00 23.62
C LEU B 276 -11.19 -12.98 24.48
N TYR B 277 -11.17 -13.88 25.48
CA TYR B 277 -10.07 -14.08 26.41
C TYR B 277 -9.07 -15.10 25.85
N GLU B 278 -7.81 -14.97 26.27
CA GLU B 278 -6.77 -15.93 25.94
C GLU B 278 -6.50 -15.93 24.42
N ALA B 279 -6.53 -14.73 23.88
CA ALA B 279 -6.28 -14.34 22.51
C ALA B 279 -5.00 -13.49 22.47
N PRO B 280 -4.42 -13.28 21.30
N PRO B 280 -4.43 -13.28 21.29
CA PRO B 280 -3.20 -12.48 21.20
CA PRO B 280 -3.19 -12.50 21.21
C PRO B 280 -3.42 -11.02 21.57
C PRO B 280 -3.40 -11.03 21.53
N GLY B 281 -2.32 -10.39 21.96
CA GLY B 281 -2.32 -8.93 22.00
C GLY B 281 -2.55 -8.37 20.61
N SER B 282 -3.39 -7.34 20.52
CA SER B 282 -3.86 -6.87 19.22
C SER B 282 -2.69 -6.50 18.30
N PHE B 283 -1.68 -5.80 18.82
CA PHE B 283 -0.58 -5.36 17.96
C PHE B 283 0.14 -6.53 17.30
N ASP B 284 0.20 -7.69 17.97
CA ASP B 284 0.86 -8.84 17.38
C ASP B 284 0.12 -9.37 16.15
N THR B 285 -1.16 -9.06 16.00
CA THR B 285 -1.94 -9.55 14.86
C THR B 285 -1.85 -8.62 13.67
N LEU B 286 -1.32 -7.41 13.86
CA LEU B 286 -1.43 -6.39 12.82
C LEU B 286 -0.61 -6.70 11.58
N PRO B 287 0.66 -7.09 11.67
CA PRO B 287 1.41 -7.29 10.41
C PRO B 287 0.79 -8.31 9.48
N ALA B 288 0.32 -9.45 10.00
CA ALA B 288 -0.24 -10.46 9.12
C ALA B 288 -1.50 -9.94 8.43
N ILE B 289 -2.28 -9.14 9.14
CA ILE B 289 -3.46 -8.54 8.52
C ILE B 289 -3.05 -7.52 7.47
N ALA B 290 -2.10 -6.64 7.80
CA ALA B 290 -1.69 -5.62 6.84
C ALA B 290 -1.12 -6.24 5.57
N GLU B 291 -0.37 -7.33 5.71
CA GLU B 291 0.21 -7.99 4.54
C GLU B 291 -0.87 -8.56 3.63
N ARG B 292 -1.95 -9.08 4.20
N ARG B 292 -1.95 -9.08 4.21
CA ARG B 292 -3.02 -9.62 3.37
CA ARG B 292 -3.05 -9.63 3.44
C ARG B 292 -3.94 -8.52 2.83
C ARG B 292 -3.93 -8.54 2.86
N VAL B 293 -4.19 -7.48 3.62
CA VAL B 293 -4.96 -6.35 3.10
C VAL B 293 -4.22 -5.73 1.92
N ASN B 294 -2.91 -5.58 2.05
CA ASN B 294 -2.02 -5.18 0.97
C ASN B 294 -2.56 -3.95 0.25
N LYS B 295 -2.87 -2.91 1.02
N LYS B 295 -2.85 -2.89 1.01
CA LYS B 295 -3.22 -1.58 0.54
CA LYS B 295 -3.22 -1.57 0.52
C LYS B 295 -4.65 -1.47 0.01
C LYS B 295 -4.62 -1.50 -0.08
N ARG B 296 -5.42 -2.55 0.01
CA ARG B 296 -6.72 -2.54 -0.66
C ARG B 296 -7.69 -1.55 -0.03
N VAL B 297 -7.66 -1.43 1.29
CA VAL B 297 -8.51 -0.49 2.03
C VAL B 297 -7.71 0.04 3.20
N PRO B 298 -8.11 1.18 3.75
CA PRO B 298 -7.43 1.69 4.94
C PRO B 298 -7.59 0.75 6.14
N ILE B 299 -6.58 0.77 7.01
CA ILE B 299 -6.57 0.01 8.25
C ILE B 299 -6.57 1.00 9.41
N VAL B 300 -7.54 0.84 10.31
CA VAL B 300 -7.52 1.45 11.63
C VAL B 300 -7.05 0.38 12.59
N PHE B 301 -6.15 0.73 13.50
CA PHE B 301 -5.68 -0.20 14.52
C PHE B 301 -6.06 0.31 15.91
N ASP B 302 -6.54 -0.59 16.76
CA ASP B 302 -6.70 -0.23 18.17
C ASP B 302 -6.47 -1.44 19.06
N SER B 303 -6.49 -1.13 20.37
CA SER B 303 -6.50 -2.03 21.52
C SER B 303 -5.13 -2.02 22.18
N GLY B 304 -4.91 -1.04 23.05
CA GLY B 304 -3.70 -0.93 23.82
C GLY B 304 -2.82 0.26 23.53
N VAL B 305 -3.23 1.19 22.67
CA VAL B 305 -2.39 2.35 22.37
C VAL B 305 -2.35 3.27 23.59
N ARG B 306 -1.14 3.51 24.11
CA ARG B 306 -0.95 4.34 25.30
C ARG B 306 0.12 5.41 25.13
N ARG B 307 0.97 5.31 24.12
CA ARG B 307 2.11 6.19 23.94
C ARG B 307 2.26 6.57 22.48
N GLY B 308 2.96 7.69 22.26
CA GLY B 308 3.34 8.06 20.90
C GLY B 308 4.13 6.98 20.20
N GLU B 309 4.97 6.23 20.94
CA GLU B 309 5.72 5.15 20.33
C GLU B 309 4.80 4.09 19.76
N HIS B 310 3.64 3.88 20.39
CA HIS B 310 2.69 2.88 19.93
C HIS B 310 2.04 3.33 18.64
N VAL B 311 1.70 4.62 18.54
CA VAL B 311 1.19 5.15 17.29
C VAL B 311 2.20 4.92 16.18
N ALA B 312 3.46 5.24 16.43
CA ALA B 312 4.50 5.08 15.42
C ALA B 312 4.64 3.62 15.01
N LYS B 313 4.65 2.71 15.99
CA LYS B 313 4.82 1.29 15.68
C LYS B 313 3.66 0.75 14.88
N ALA B 314 2.44 1.19 15.19
CA ALA B 314 1.27 0.75 14.42
C ALA B 314 1.39 1.21 12.98
N LEU B 315 1.76 2.47 12.75
N LEU B 315 1.74 2.47 12.77
CA LEU B 315 1.91 2.97 11.39
CA LEU B 315 1.93 2.98 11.41
C LEU B 315 3.02 2.23 10.64
C LEU B 315 2.99 2.19 10.67
N ALA B 316 4.13 1.95 11.32
CA ALA B 316 5.22 1.22 10.68
C ALA B 316 4.82 -0.18 10.32
N SER B 317 3.79 -0.71 10.97
CA SER B 317 3.35 -2.09 10.80
C SER B 317 2.13 -2.22 9.90
N GLY B 318 1.67 -1.13 9.31
CA GLY B 318 0.61 -1.19 8.30
C GLY B 318 -0.66 -0.45 8.61
N ALA B 319 -0.84 0.13 9.81
CA ALA B 319 -2.05 0.89 10.10
C ALA B 319 -1.96 2.27 9.46
N ASP B 320 -3.10 2.79 9.01
N ASP B 320 -3.10 2.77 8.98
CA ASP B 320 -3.13 4.16 8.53
CA ASP B 320 -3.18 4.15 8.51
C ASP B 320 -3.37 5.16 9.66
C ASP B 320 -3.32 5.12 9.68
N VAL B 321 -4.20 4.79 10.63
CA VAL B 321 -4.39 5.56 11.85
C VAL B 321 -4.63 4.56 12.96
N VAL B 322 -4.50 5.02 14.20
CA VAL B 322 -4.94 4.25 15.36
C VAL B 322 -6.18 4.90 15.94
N ALA B 323 -6.88 4.14 16.77
CA ALA B 323 -8.01 4.66 17.52
C ALA B 323 -7.68 4.60 19.00
N LEU B 324 -8.02 5.66 19.71
CA LEU B 324 -7.77 5.82 21.13
C LEU B 324 -9.05 5.56 21.90
N GLY B 325 -8.91 4.94 23.08
CA GLY B 325 -10.05 4.56 23.87
C GLY B 325 -9.92 4.94 25.34
N ARG B 326 -9.55 3.96 26.17
CA ARG B 326 -9.52 4.17 27.62
C ARG B 326 -8.80 5.45 28.03
N PRO B 327 -7.60 5.78 27.53
CA PRO B 327 -6.94 7.00 28.01
C PRO B 327 -7.79 8.25 27.84
N VAL B 328 -8.55 8.34 26.74
CA VAL B 328 -9.38 9.51 26.52
C VAL B 328 -10.52 9.55 27.53
N LEU B 329 -11.13 8.39 27.81
CA LEU B 329 -12.20 8.33 28.81
C LEU B 329 -11.68 8.68 30.20
N PHE B 330 -10.47 8.23 30.54
CA PHE B 330 -9.90 8.60 31.84
C PHE B 330 -9.66 10.11 31.91
N GLY B 331 -9.18 10.70 30.81
CA GLY B 331 -9.06 12.14 30.76
C GLY B 331 -10.38 12.86 30.90
N LEU B 332 -11.43 12.34 30.24
CA LEU B 332 -12.77 12.90 30.40
C LEU B 332 -13.22 12.84 31.87
N ALA B 333 -12.98 11.73 32.54
CA ALA B 333 -13.35 11.63 33.94
C ALA B 333 -12.65 12.71 34.77
N LEU B 334 -11.38 12.97 34.46
CA LEU B 334 -10.57 13.87 35.26
C LEU B 334 -10.82 15.35 34.94
N GLY B 335 -11.30 15.67 33.74
CA GLY B 335 -11.44 17.06 33.36
C GLY B 335 -12.47 17.38 32.30
N GLY B 336 -13.43 16.50 32.06
CA GLY B 336 -14.40 16.81 31.04
C GLY B 336 -13.71 16.95 29.69
N TRP B 337 -14.28 17.79 28.82
CA TRP B 337 -13.73 17.88 27.48
C TRP B 337 -12.29 18.39 27.50
N GLN B 338 -11.96 19.27 28.44
CA GLN B 338 -10.59 19.77 28.50
C GLN B 338 -9.63 18.69 28.98
N GLY B 339 -10.09 17.78 29.84
CA GLY B 339 -9.25 16.66 30.23
C GLY B 339 -9.04 15.67 29.11
N ALA B 340 -10.11 15.35 28.37
CA ALA B 340 -9.99 14.51 27.19
C ALA B 340 -9.10 15.17 26.15
N TYR B 341 -9.28 16.48 25.94
CA TYR B 341 -8.41 17.22 25.03
C TYR B 341 -6.95 17.08 25.42
N SER B 342 -6.66 17.19 26.72
CA SER B 342 -5.30 17.10 27.21
C SER B 342 -4.67 15.77 26.81
N VAL B 343 -5.47 14.71 26.78
CA VAL B 343 -4.97 13.40 26.38
C VAL B 343 -4.64 13.38 24.89
N LEU B 344 -5.54 13.92 24.04
CA LEU B 344 -5.26 13.99 22.62
C LEU B 344 -4.01 14.82 22.35
N ASP B 345 -3.89 15.95 23.05
CA ASP B 345 -2.72 16.81 22.93
C ASP B 345 -1.46 16.07 23.34
N TYR B 346 -1.53 15.33 24.45
CA TYR B 346 -0.40 14.49 24.86
C TYR B 346 0.04 13.56 23.76
N PHE B 347 -0.91 12.84 23.14
CA PHE B 347 -0.51 11.89 22.09
C PHE B 347 0.14 12.60 20.92
N GLN B 348 -0.36 13.79 20.56
N GLN B 348 -0.35 13.79 20.57
CA GLN B 348 0.23 14.52 19.44
CA GLN B 348 0.23 14.52 19.44
C GLN B 348 1.65 14.96 19.76
C GLN B 348 1.65 14.97 19.76
N LYS B 349 1.87 15.48 20.97
CA LYS B 349 3.20 15.94 21.36
C LYS B 349 4.15 14.75 21.55
N ASP B 350 3.63 13.66 22.11
CA ASP B 350 4.43 12.47 22.31
C ASP B 350 4.87 11.90 20.96
N LEU B 351 3.94 11.85 20.00
CA LEU B 351 4.30 11.38 18.67
C LEU B 351 5.33 12.28 18.02
N THR B 352 5.21 13.60 18.21
CA THR B 352 6.17 14.53 17.63
C THR B 352 7.58 14.23 18.13
N ARG B 353 7.73 13.97 19.43
CA ARG B 353 9.05 13.62 19.95
C ARG B 353 9.57 12.34 19.29
N VAL B 354 8.72 11.33 19.20
CA VAL B 354 9.13 10.07 18.58
C VAL B 354 9.56 10.31 17.14
N MET B 355 8.85 11.17 16.41
CA MET B 355 9.24 11.49 15.05
C MET B 355 10.62 12.12 15.02
N GLN B 356 10.89 13.09 15.91
CA GLN B 356 12.19 13.72 15.94
C GLN B 356 13.29 12.67 16.13
N LEU B 357 13.08 11.74 17.05
CA LEU B 357 14.15 10.81 17.42
C LEU B 357 14.29 9.65 16.46
N THR B 358 13.24 9.31 15.70
CA THR B 358 13.34 8.29 14.68
C THR B 358 13.75 8.84 13.32
N GLY B 359 13.98 10.14 13.20
CA GLY B 359 14.33 10.75 11.93
C GLY B 359 13.17 10.92 10.98
N SER B 360 11.95 11.00 11.49
CA SER B 360 10.75 11.06 10.68
C SER B 360 10.22 12.49 10.63
N GLN B 361 10.02 13.01 9.43
CA GLN B 361 9.50 14.36 9.28
C GLN B 361 7.98 14.41 9.21
N ASN B 362 7.34 13.30 8.84
CA ASN B 362 5.91 13.30 8.60
C ASN B 362 5.38 11.89 8.84
N VAL B 363 4.05 11.75 8.73
CA VAL B 363 3.40 10.48 9.04
C VAL B 363 3.80 9.42 8.03
N GLU B 364 4.02 9.79 6.77
CA GLU B 364 4.46 8.80 5.80
C GLU B 364 5.81 8.21 6.18
N ASP B 365 6.74 9.05 6.66
CA ASP B 365 8.02 8.52 7.12
C ASP B 365 7.84 7.46 8.20
N LEU B 366 6.88 7.67 9.11
CA LEU B 366 6.61 6.68 10.16
C LEU B 366 6.20 5.34 9.56
N LYS B 367 5.44 5.36 8.46
CA LYS B 367 5.04 4.12 7.82
C LYS B 367 6.23 3.34 7.30
N GLY B 368 7.34 4.02 7.02
CA GLY B 368 8.55 3.41 6.52
C GLY B 368 9.56 2.97 7.56
N LEU B 369 9.25 3.03 8.85
CA LEU B 369 10.25 2.70 9.86
C LEU B 369 10.58 1.22 9.86
N ASP B 370 11.85 0.92 10.17
N ASP B 370 11.87 0.92 10.03
CA ASP B 370 12.34 -0.42 10.41
CA ASP B 370 12.28 -0.41 10.45
C ASP B 370 12.28 -0.69 11.92
C ASP B 370 11.96 -0.57 11.92
N LEU B 371 11.65 -1.80 12.32
CA LEU B 371 11.49 -2.14 13.72
C LEU B 371 12.44 -3.26 14.09
N PHE B 372 12.97 -3.18 15.31
CA PHE B 372 13.84 -4.21 15.86
C PHE B 372 12.98 -5.32 16.46
N ASP B 373 13.22 -6.55 16.02
N ASP B 373 13.24 -6.56 16.04
CA ASP B 373 12.50 -7.69 16.57
CA ASP B 373 12.49 -7.71 16.54
C ASP B 373 13.09 -8.09 17.91
C ASP B 373 13.08 -8.16 17.88
N ASN B 374 12.26 -8.12 18.94
CA ASN B 374 12.69 -8.53 20.27
C ASN B 374 12.10 -9.89 20.59
N PRO B 375 12.84 -10.98 20.41
CA PRO B 375 12.27 -12.31 20.67
C PRO B 375 12.17 -12.64 22.15
N TYR B 376 12.78 -11.84 23.01
N TYR B 376 12.79 -11.84 23.01
CA TYR B 376 12.75 -12.08 24.44
CA TYR B 376 12.75 -12.10 24.45
C TYR B 376 11.45 -11.64 25.08
C TYR B 376 11.47 -11.61 25.10
N GLY B 377 10.70 -10.75 24.44
CA GLY B 377 9.47 -10.28 25.04
C GLY B 377 9.70 -9.30 26.18
N TYR B 378 8.73 -9.25 27.08
CA TYR B 378 8.62 -8.15 28.01
C TYR B 378 9.75 -8.15 29.04
N GLU B 379 10.14 -9.33 29.54
CA GLU B 379 11.17 -9.40 30.57
C GLU B 379 12.57 -9.24 29.99
N TYR B 380 12.71 -9.33 28.68
CA TYR B 380 13.97 -9.06 28.00
C TYR B 380 15.06 -10.01 28.46
N1 FMN C . 15.77 0.02 -18.94
C2 FMN C . 15.83 1.38 -18.91
O2 FMN C . 15.52 1.99 -17.89
N3 FMN C . 16.23 2.07 -20.04
C4 FMN C . 16.58 1.40 -21.19
O4 FMN C . 16.93 2.06 -22.19
C4A FMN C . 16.49 0.02 -21.22
N5 FMN C . 16.82 -0.67 -22.37
C5A FMN C . 16.69 -2.04 -22.38
C6 FMN C . 17.01 -2.75 -23.53
C7 FMN C . 16.89 -4.12 -23.59
C7M FMN C . 17.23 -4.84 -24.87
C8 FMN C . 16.45 -4.80 -22.46
C8M FMN C . 16.30 -6.30 -22.45
C9 FMN C . 16.13 -4.11 -21.30
C9A FMN C . 16.25 -2.73 -21.24
N10 FMN C . 15.96 -2.03 -20.08
C10 FMN C . 16.07 -0.66 -20.09
C1' FMN C . 15.46 -2.72 -18.85
C2' FMN C . 13.93 -2.84 -18.94
O2' FMN C . 13.32 -1.59 -18.66
C3' FMN C . 13.36 -3.85 -17.96
O3' FMN C . 13.82 -3.53 -16.66
C4' FMN C . 13.70 -5.28 -18.33
O4' FMN C . 13.45 -5.48 -19.72
C5' FMN C . 12.86 -6.27 -17.51
O5' FMN C . 13.34 -7.60 -17.65
P FMN C . 12.62 -8.66 -18.62
O1P FMN C . 11.34 -9.08 -17.94
O2P FMN C . 12.42 -7.98 -19.94
O3P FMN C . 13.58 -9.83 -18.68
HN3 FMN C . 16.28 3.10 -20.02
H6 FMN C . 17.35 -2.20 -24.41
HM71 FMN C . 16.69 -5.78 -24.91
HM72 FMN C . 18.31 -5.02 -24.89
HM73 FMN C . 16.94 -4.21 -25.71
HM81 FMN C . 16.12 -6.65 -21.43
HM82 FMN C . 17.21 -6.75 -22.83
HM83 FMN C . 15.47 -6.59 -23.09
H9 FMN C . 15.77 -4.65 -20.41
H1'1 FMN C . 15.74 -2.15 -17.97
H1'2 FMN C . 15.90 -3.72 -18.77
H2' FMN C . 13.71 -3.16 -19.97
HO2' FMN C . 12.73 -1.69 -17.88
H3' FMN C . 12.26 -3.78 -17.98
HO3' FMN C . 14.30 -4.31 -16.29
H4' FMN C . 14.75 -5.48 -18.13
HO4' FMN C . 12.83 -6.23 -19.84
H5'1 FMN C . 11.81 -6.23 -17.83
H5'2 FMN C . 12.89 -5.98 -16.46
C1 EDO D . 3.46 0.27 -36.61
O1 EDO D . 3.31 -0.26 -37.90
C2 EDO D . 2.63 1.52 -36.43
O2 EDO D . 1.46 1.47 -37.21
H11 EDO D . 4.38 0.50 -36.42
H12 EDO D . 3.18 -0.37 -35.93
HO1 EDO D . 2.62 0.10 -38.26
H21 EDO D . 3.19 2.28 -36.64
H22 EDO D . 2.42 1.61 -35.48
HO2 EDO D . 1.00 2.17 -37.05
C1 EDO E . 4.56 -18.38 -30.21
O1 EDO E . 4.67 -19.61 -30.89
C2 EDO E . 4.85 -18.57 -28.74
O2 EDO E . 3.96 -19.52 -28.20
H11 EDO E . 3.67 -18.00 -30.31
H12 EDO E . 5.18 -17.72 -30.57
HO1 EDO E . 5.33 -20.03 -30.56
H21 EDO E . 4.77 -17.70 -28.31
H22 EDO E . 5.78 -18.84 -28.65
HO2 EDO E . 4.41 -20.08 -27.75
C LAC F . 20.30 -1.48 -21.89
CA LAC F . 20.56 0.04 -21.87
CB LAC F . 22.06 0.34 -21.89
O LAC F . 19.73 -1.90 -20.85
OHN LAC F . 19.90 0.62 -22.97
OXT LAC F . 20.65 -2.14 -22.88
HA LAC F . 20.19 0.40 -21.05
HB1 LAC F . 22.49 -0.14 -22.61
HB2 LAC F . 22.47 0.09 -21.06
HB3 LAC F . 22.22 1.29 -22.03
H LAC F . 19.29 0.06 -23.13
C PYR G . 22.64 0.03 -22.29
O PYR G . 22.72 -0.52 -23.40
OXT PYR G . 22.89 -0.43 -21.17
CA PYR G . 22.15 1.50 -22.30
O3 PYR G . 21.00 1.79 -22.06
CB PYR G . 23.18 2.54 -22.63
HB1 PYR G . 24.03 2.14 -22.85
HB2 PYR G . 23.32 3.15 -21.88
HB3 PYR G . 22.91 3.09 -23.38
N1 FMN H . -16.35 -0.82 20.81
C2 FMN H . -17.44 -0.69 20.01
O2 FMN H . -17.35 -0.98 18.81
N3 FMN H . -18.62 -0.23 20.54
C4 FMN H . -18.75 0.10 21.86
O4 FMN H . -19.83 0.52 22.30
C4A FMN H . -17.63 0.00 22.67
N5 FMN H . -17.71 0.33 24.01
C5A FMN H . -16.57 0.26 24.79
C6 FMN H . -16.65 0.62 26.12
C7 FMN H . -15.51 0.57 26.93
C7M FMN H . -15.63 0.96 28.37
C8 FMN H . -14.30 0.13 26.39
C8M FMN H . -13.05 0.05 27.21
C9 FMN H . -14.23 -0.22 25.04
C9A FMN H . -15.36 -0.17 24.24
N10 FMN H . -15.30 -0.56 22.91
C10 FMN H . -16.43 -0.46 22.13
C1' FMN H . -14.01 -0.97 22.28
C2' FMN H . -13.29 0.29 21.78
O2' FMN H . -13.86 0.73 20.56
C3' FMN H . -11.80 0.05 21.50
O3' FMN H . -11.67 -1.09 20.66
C4' FMN H . -10.99 -0.14 22.78
O4' FMN H . -11.33 0.88 23.72
C5' FMN H . -9.48 -0.10 22.47
O5' FMN H . -8.72 -0.54 23.58
P FMN H . -7.98 0.52 24.56
O1P FMN H . -6.79 1.07 23.81
O2P FMN H . -9.01 1.58 24.92
O3P FMN H . -7.50 -0.32 25.74
HN3 FMN H . -19.45 -0.12 19.91
H6 FMN H . -17.60 0.95 26.54
HM71 FMN H . -15.02 0.29 28.97
HM72 FMN H . -16.67 0.89 28.68
HM73 FMN H . -15.28 1.98 28.50
HM81 FMN H . -12.25 -0.41 26.61
HM82 FMN H . -13.24 -0.56 28.10
HM83 FMN H . -12.75 1.05 27.51
H9 FMN H . -13.28 -0.54 24.62
H1'1 FMN H . -14.19 -1.66 21.45
H1'2 FMN H . -13.38 -1.49 23.00
H2' FMN H . -13.41 1.03 22.57
HO2' FMN H . -13.17 0.80 19.88
H3' FMN H . -11.41 0.94 21.01
HO3' FMN H . -11.11 -1.76 21.10
H4' FMN H . -11.21 -1.11 23.21
HO4' FMN H . -10.52 1.35 24.00
H5'1 FMN H . -9.20 0.92 22.22
H5'2 FMN H . -9.28 -0.73 21.61
C PYR I . -21.14 -3.86 26.16
O PYR I . -20.74 -4.89 25.60
OXT PYR I . -21.20 -3.62 27.38
CA PYR I . -21.61 -2.70 25.23
O3 PYR I . -22.78 -2.49 25.07
CB PYR I . -20.55 -1.87 24.58
HB1 PYR I . -20.02 -2.40 23.96
HB2 PYR I . -20.93 -1.14 24.09
HB3 PYR I . -19.94 -1.49 25.24
C LAC J . -17.99 -2.75 25.78
CA LAC J . -19.32 -2.76 25.00
CB LAC J . -20.13 -1.49 25.27
O LAC J . -18.06 -2.55 27.02
OHN LAC J . -19.07 -2.89 23.62
OXT LAC J . -16.96 -2.96 25.13
HA LAC J . -19.83 -3.51 25.32
HB1 LAC J . -20.88 -1.67 25.86
HB2 LAC J . -20.48 -1.12 24.45
HB3 LAC J . -19.58 -0.81 25.70
#